data_6LHI
#
_entry.id   6LHI
#
_cell.length_a   56.308
_cell.length_b   154.488
_cell.length_c   163.939
_cell.angle_alpha   90.000
_cell.angle_beta   90.000
_cell.angle_gamma   90.000
#
_symmetry.space_group_name_H-M   'P 21 21 21'
#
loop_
_entity.id
_entity.type
_entity.pdbx_description
1 polymer 'Bifunctional dihydrofolate reductase-thymidylate synthase'
2 non-polymer METHIONINE
3 non-polymer "2'-DEOXYURIDINE 5'-MONOPHOSPHATE"
4 non-polymer 1-[3-[(4-chlorophenyl)-(phenylmethyl)amino]propoxy]-6,6-dimethyl-1,3,5-triazine-2,4-diamine
5 non-polymer 'NADPH DIHYDRO-NICOTINAMIDE-ADENINE-DINUCLEOTIDE PHOSPHATE'
6 water water
#
_entity_poly.entity_id   1
_entity_poly.type   'polypeptide(L)'
_entity_poly.pdbx_seq_one_letter_code
;MMEQVCDVFDIYAICACCKVESKNEGKKNEVFNNYTFRGLGNKGVLPWKCISLDMKYFRAVTTYVNESKYEKLKYKRCKY
LNKETVDNVNDMPNSKKLQNVVVMGRTNWESIPKKFKPLSNRINVILSRTLKKEDFDEDVYIINKVEDLIVLLGKLNYYK
CFILGGSVVYQEFLEKKLIKKIYFTRINSTYECDVFFPEINENEYQIISVSDVYTSNNTTLDFIIYKKTNNKMLNEQNCI
KGEEKNNDMPLKNDDKDTCHMKKLTEFYKNVDKYKINYENDDDDEEEDDFVYFNFNKEKEEKNKNSIHPNDFQIYNSLKY
KYHPEYQYLNIIYDIMMNGNKQSDRTGVGVLSKFGYIMKFDLSQYFPLLTTKKLFLRGIIEELLWFIRGETNGNTLLNKN
VRIWEANGTREFLDNRKLFHREVNDLGPIYGFQWRHFGAEYTNMYDNYENKGVDQLKNIINLIKNDPTSRRILLCAWNVK
DLDQMALPPCHILCQFYVFDGKLSCIMYQRSCDLGLGVPFNIASYSIFTHMIAQVCNLQPAQFIHVLGNAHVYNNHIDSL
KIQLNRIPYPFPTLKLNPDIKNIEDFTISDFTIQNYVHHEKISMDMAA
;
_entity_poly.pdbx_strand_id   A,B
#
loop_
_chem_comp.id
_chem_comp.type
_chem_comp.name
_chem_comp.formula
E9X non-polymer 1-[3-[(4-chlorophenyl)-(phenylmethyl)amino]propoxy]-6,6-dimethyl-1,3,5-triazine-2,4-diamine 'C21 H27 Cl N6 O'
NDP non-polymer 'NADPH DIHYDRO-NICOTINAMIDE-ADENINE-DINUCLEOTIDE PHOSPHATE' 'C21 H30 N7 O17 P3'
UMP non-polymer '2'-DEOXYURIDINE 5'-MONOPHOSPHATE' 'C9 H13 N2 O8 P'
#
# COMPACT_ATOMS: atom_id res chain seq x y z
N GLN A 4 -12.77 -37.79 4.21
CA GLN A 4 -12.35 -38.50 2.96
C GLN A 4 -10.84 -38.80 3.05
N VAL A 5 -10.38 -39.91 2.43
CA VAL A 5 -9.02 -40.52 2.61
C VAL A 5 -7.93 -39.46 2.51
N CYS A 6 -8.08 -38.54 1.56
CA CYS A 6 -7.02 -37.58 1.18
C CYS A 6 -6.97 -36.42 2.19
N ASP A 7 -8.07 -36.18 2.90
CA ASP A 7 -8.10 -35.14 3.97
C ASP A 7 -7.43 -35.71 5.22
N VAL A 8 -7.55 -37.02 5.47
CA VAL A 8 -6.99 -37.60 6.73
C VAL A 8 -5.47 -37.72 6.58
N PHE A 9 -5.03 -38.16 5.40
CA PHE A 9 -3.64 -38.55 5.12
C PHE A 9 -2.92 -37.40 4.41
N ASP A 10 -3.63 -36.31 4.15
CA ASP A 10 -3.07 -35.05 3.57
C ASP A 10 -2.24 -35.41 2.33
N ILE A 11 -2.88 -35.97 1.32
CA ILE A 11 -2.25 -36.41 0.06
C ILE A 11 -2.44 -35.29 -0.97
N TYR A 12 -1.36 -34.64 -1.37
CA TYR A 12 -1.38 -33.53 -2.37
C TYR A 12 -0.64 -34.00 -3.62
N ALA A 13 -0.99 -33.45 -4.78
CA ALA A 13 -0.19 -33.58 -6.02
C ALA A 13 0.63 -32.32 -6.18
N ILE A 14 1.86 -32.45 -6.67
CA ILE A 14 2.61 -31.24 -7.12
C ILE A 14 3.17 -31.56 -8.48
N CYS A 15 3.00 -30.66 -9.45
CA CYS A 15 3.36 -30.94 -10.86
C CYS A 15 3.79 -29.63 -11.47
N ALA A 16 4.36 -29.67 -12.67
CA ALA A 16 4.66 -28.46 -13.45
C ALA A 16 4.27 -28.76 -14.89
N CYS A 17 3.57 -27.87 -15.56
CA CYS A 17 3.06 -28.13 -16.93
C CYS A 17 3.41 -26.97 -17.85
N CYS A 18 4.08 -27.28 -18.95
CA CYS A 18 4.34 -26.31 -20.04
C CYS A 18 3.16 -26.36 -21.03
N LYS A 19 3.17 -25.45 -22.00
CA LYS A 19 2.22 -25.51 -23.14
C LYS A 19 2.78 -26.50 -24.17
N VAL A 20 1.88 -27.15 -24.91
CA VAL A 20 2.23 -28.24 -25.87
C VAL A 20 2.06 -27.71 -27.30
N GLU A 21 2.84 -28.25 -28.24
CA GLU A 21 2.83 -27.83 -29.66
C GLU A 21 1.57 -28.40 -30.33
N SER A 22 0.42 -27.71 -30.24
CA SER A 22 -0.82 -28.06 -30.99
C SER A 22 -0.96 -27.12 -32.20
N ASN A 29 -6.03 -16.85 -34.43
CA ASN A 29 -6.81 -16.59 -33.19
C ASN A 29 -6.92 -17.89 -32.38
N GLU A 30 -6.10 -18.00 -31.34
CA GLU A 30 -5.96 -19.20 -30.46
C GLU A 30 -6.88 -19.04 -29.23
N VAL A 31 -7.66 -20.09 -28.90
CA VAL A 31 -8.46 -20.15 -27.64
C VAL A 31 -7.50 -20.58 -26.52
N PHE A 32 -7.53 -19.91 -25.37
CA PHE A 32 -6.77 -20.36 -24.18
C PHE A 32 -7.77 -20.62 -23.04
N ASN A 33 -7.63 -21.78 -22.40
CA ASN A 33 -8.24 -22.12 -21.10
C ASN A 33 -7.14 -22.74 -20.25
N ASN A 34 -7.44 -23.40 -19.12
CA ASN A 34 -6.40 -23.88 -18.16
C ASN A 34 -5.80 -25.22 -18.60
N TYR A 35 -6.46 -25.93 -19.54
CA TYR A 35 -5.90 -27.10 -20.27
C TYR A 35 -4.74 -26.68 -21.19
N THR A 36 -4.48 -25.38 -21.36
CA THR A 36 -3.32 -24.86 -22.13
C THR A 36 -2.02 -25.37 -21.51
N PHE A 37 -1.98 -25.38 -20.18
CA PHE A 37 -0.85 -25.90 -19.36
C PHE A 37 -1.15 -27.35 -18.94
N ARG A 38 -0.50 -28.30 -19.62
CA ARG A 38 -0.87 -29.74 -19.64
C ARG A 38 0.32 -30.63 -20.01
N GLY A 39 1.40 -30.09 -20.56
CA GLY A 39 2.57 -30.89 -20.99
C GLY A 39 3.43 -31.21 -19.79
N LEU A 40 3.78 -32.50 -19.58
CA LEU A 40 4.42 -32.98 -18.34
C LEU A 40 5.86 -33.42 -18.60
N GLY A 41 6.09 -34.27 -19.60
CA GLY A 41 7.41 -34.90 -19.83
C GLY A 41 7.62 -35.23 -21.28
N ASN A 42 8.83 -35.66 -21.64
CA ASN A 42 9.17 -36.03 -23.04
C ASN A 42 10.28 -37.09 -23.04
N LYS A 43 10.04 -38.20 -23.75
CA LYS A 43 10.99 -39.34 -23.85
C LYS A 43 11.48 -39.71 -22.45
N GLY A 44 10.63 -39.71 -21.43
CA GLY A 44 10.91 -40.24 -20.09
C GLY A 44 11.68 -39.26 -19.21
N VAL A 45 11.91 -38.03 -19.69
CA VAL A 45 12.47 -36.90 -18.88
C VAL A 45 11.53 -35.68 -18.96
N LEU A 46 11.99 -34.53 -18.46
CA LEU A 46 11.19 -33.29 -18.44
C LEU A 46 11.35 -32.60 -19.78
N PRO A 47 10.33 -31.87 -20.26
CA PRO A 47 10.37 -31.23 -21.57
C PRO A 47 11.35 -30.05 -21.69
N TRP A 48 11.77 -29.49 -20.54
CA TRP A 48 12.69 -28.30 -20.40
C TRP A 48 14.01 -28.81 -19.84
N LYS A 49 15.13 -28.07 -19.95
CA LYS A 49 16.37 -28.30 -19.13
C LYS A 49 16.05 -27.94 -17.65
N CYS A 50 16.81 -27.04 -17.01
CA CYS A 50 16.51 -26.58 -15.63
C CYS A 50 15.50 -25.43 -15.72
N ILE A 51 14.47 -25.48 -14.89
CA ILE A 51 13.78 -24.25 -14.44
C ILE A 51 13.99 -24.19 -12.91
N SER A 52 15.11 -23.58 -12.50
CA SER A 52 15.67 -23.68 -11.11
C SER A 52 14.66 -23.13 -10.10
N LEU A 53 13.90 -22.12 -10.49
CA LEU A 53 12.89 -21.53 -9.58
C LEU A 53 11.78 -22.56 -9.34
N ASP A 54 11.41 -23.36 -10.35
CA ASP A 54 10.43 -24.45 -10.12
C ASP A 54 11.05 -25.47 -9.15
N MET A 55 12.32 -25.85 -9.30
CA MET A 55 13.00 -26.80 -8.37
C MET A 55 13.03 -26.17 -6.99
N LYS A 56 13.40 -24.91 -6.90
CA LYS A 56 13.47 -24.24 -5.59
C LYS A 56 12.11 -24.34 -4.90
N TYR A 57 11.02 -24.17 -5.65
CA TYR A 57 9.65 -24.15 -5.11
C TYR A 57 9.25 -25.58 -4.74
N PHE A 58 9.48 -26.47 -5.68
CA PHE A 58 9.28 -27.93 -5.47
C PHE A 58 9.96 -28.34 -4.15
N ARG A 59 11.23 -27.98 -4.00
CA ARG A 59 12.05 -28.35 -2.81
C ARG A 59 11.31 -27.84 -1.56
N ALA A 60 10.82 -26.62 -1.61
CA ALA A 60 10.26 -25.87 -0.48
C ALA A 60 8.94 -26.50 -0.02
N VAL A 61 8.11 -26.93 -0.96
CA VAL A 61 6.78 -27.52 -0.64
C VAL A 61 7.00 -28.94 -0.10
N THR A 62 7.84 -29.72 -0.75
CA THR A 62 7.95 -31.18 -0.49
C THR A 62 8.78 -31.39 0.80
N THR A 63 9.56 -30.40 1.23
CA THR A 63 10.41 -30.53 2.46
C THR A 63 9.81 -29.73 3.62
N TYR A 64 8.86 -28.80 3.42
CA TYR A 64 8.37 -28.01 4.58
C TYR A 64 7.46 -28.88 5.44
N VAL A 65 7.73 -28.75 6.73
CA VAL A 65 7.07 -29.47 7.84
C VAL A 65 6.85 -28.44 8.94
N ASN A 66 5.76 -28.57 9.69
CA ASN A 66 5.52 -27.80 10.94
C ASN A 66 5.10 -28.74 12.06
N GLU A 67 5.99 -28.84 13.04
CA GLU A 67 5.94 -29.82 14.14
C GLU A 67 4.75 -29.50 15.04
N SER A 68 4.39 -28.23 15.24
CA SER A 68 3.21 -27.87 16.08
C SER A 68 1.94 -28.47 15.47
N LYS A 69 1.77 -28.40 14.15
CA LYS A 69 0.56 -28.91 13.48
C LYS A 69 0.56 -30.45 13.50
N TYR A 70 1.68 -31.09 13.82
CA TYR A 70 1.76 -32.57 13.74
C TYR A 70 0.81 -33.20 14.76
N GLU A 71 0.78 -32.66 15.98
CA GLU A 71 -0.02 -33.27 17.08
C GLU A 71 -1.46 -33.50 16.59
N LYS A 72 -2.07 -32.52 15.90
CA LYS A 72 -3.47 -32.59 15.42
C LYS A 72 -3.60 -33.56 14.22
N LEU A 73 -2.57 -33.68 13.39
CA LEU A 73 -2.59 -34.60 12.22
C LEU A 73 -2.57 -36.04 12.75
N LYS A 74 -1.67 -36.34 13.68
CA LYS A 74 -1.49 -37.66 14.32
C LYS A 74 -2.82 -38.10 14.92
N TYR A 75 -3.41 -37.26 15.77
CA TYR A 75 -4.72 -37.47 16.44
C TYR A 75 -5.77 -37.82 15.37
N LYS A 76 -6.01 -36.88 14.43
CA LYS A 76 -6.91 -37.02 13.26
C LYS A 76 -6.78 -38.39 12.60
N ARG A 77 -5.53 -38.82 12.36
CA ARG A 77 -5.23 -40.04 11.56
C ARG A 77 -5.54 -41.27 12.40
N CYS A 78 -5.03 -41.28 13.64
CA CYS A 78 -5.37 -42.26 14.70
C CYS A 78 -6.89 -42.39 14.81
N LYS A 79 -7.61 -41.28 15.07
CA LYS A 79 -9.10 -41.28 15.19
C LYS A 79 -9.78 -41.97 13.99
N TYR A 80 -9.33 -41.76 12.75
CA TYR A 80 -9.95 -42.39 11.55
C TYR A 80 -9.60 -43.88 11.50
N LEU A 81 -8.61 -44.33 12.28
CA LEU A 81 -8.18 -45.77 12.39
C LEU A 81 -8.67 -46.39 13.71
N ASN A 82 -9.29 -45.60 14.60
CA ASN A 82 -9.72 -46.01 15.96
C ASN A 82 -8.47 -46.32 16.78
N LYS A 83 -7.95 -45.36 17.57
CA LYS A 83 -6.75 -45.51 18.44
C LYS A 83 -6.30 -44.18 19.07
N LYS A 97 13.11 -36.93 13.32
CA LYS A 97 13.03 -35.57 12.69
C LYS A 97 11.89 -35.55 11.65
N LEU A 98 10.70 -35.03 11.99
CA LEU A 98 9.45 -35.16 11.20
C LEU A 98 9.70 -34.77 9.75
N GLN A 99 9.28 -35.60 8.78
CA GLN A 99 9.41 -35.26 7.34
C GLN A 99 8.17 -35.68 6.54
N ASN A 100 8.08 -35.18 5.30
CA ASN A 100 7.01 -35.46 4.34
C ASN A 100 7.33 -36.76 3.58
N VAL A 101 6.29 -37.44 3.09
CA VAL A 101 6.41 -38.57 2.14
C VAL A 101 6.28 -37.99 0.76
N VAL A 102 7.07 -38.48 -0.19
CA VAL A 102 6.90 -38.19 -1.65
C VAL A 102 6.74 -39.54 -2.36
N VAL A 103 5.91 -39.56 -3.39
CA VAL A 103 5.48 -40.80 -4.08
C VAL A 103 5.73 -40.61 -5.57
N MET A 104 6.43 -41.58 -6.20
CA MET A 104 6.94 -41.49 -7.58
C MET A 104 6.52 -42.73 -8.40
N GLY A 105 6.01 -42.51 -9.61
CA GLY A 105 6.05 -43.57 -10.64
C GLY A 105 7.48 -44.07 -10.80
N ARG A 106 7.67 -45.28 -11.31
CA ARG A 106 9.03 -45.83 -11.46
C ARG A 106 9.76 -44.98 -12.51
N THR A 107 9.07 -44.50 -13.55
CA THR A 107 9.80 -43.84 -14.66
C THR A 107 10.15 -42.46 -14.13
N ASN A 108 9.26 -41.85 -13.35
CA ASN A 108 9.56 -40.59 -12.61
C ASN A 108 10.90 -40.81 -11.90
N TRP A 109 11.00 -41.91 -11.14
CA TRP A 109 12.13 -42.24 -10.25
C TRP A 109 13.40 -42.45 -11.07
N GLU A 110 13.25 -42.99 -12.28
CA GLU A 110 14.38 -43.33 -13.17
C GLU A 110 14.83 -42.09 -13.94
N SER A 111 14.04 -41.01 -13.94
CA SER A 111 14.42 -39.72 -14.57
C SER A 111 15.39 -38.94 -13.67
N ILE A 112 15.49 -39.30 -12.39
CA ILE A 112 16.20 -38.51 -11.36
C ILE A 112 17.69 -38.82 -11.44
N PRO A 113 18.58 -37.84 -11.66
CA PRO A 113 20.02 -38.08 -11.52
C PRO A 113 20.34 -38.85 -10.24
N LYS A 114 21.25 -39.80 -10.29
CA LYS A 114 21.56 -40.74 -9.17
C LYS A 114 22.02 -39.95 -7.95
N LYS A 115 22.82 -38.91 -8.14
CA LYS A 115 23.43 -38.21 -6.98
C LYS A 115 22.33 -37.50 -6.18
N PHE A 116 21.10 -37.37 -6.71
CA PHE A 116 20.00 -36.66 -6.01
C PHE A 116 18.97 -37.65 -5.41
N LYS A 117 19.14 -38.96 -5.56
CA LYS A 117 18.19 -39.98 -5.01
C LYS A 117 18.85 -40.72 -3.85
N PRO A 118 18.06 -41.09 -2.83
CA PRO A 118 16.66 -40.64 -2.74
C PRO A 118 16.57 -39.13 -2.40
N LEU A 119 15.42 -38.49 -2.64
CA LEU A 119 15.22 -37.06 -2.37
C LEU A 119 15.55 -36.79 -0.91
N SER A 120 16.46 -35.85 -0.65
CA SER A 120 16.98 -35.53 0.70
C SER A 120 15.82 -35.05 1.57
N ASN A 121 15.80 -35.54 2.81
CA ASN A 121 14.93 -35.02 3.90
C ASN A 121 13.49 -35.36 3.63
N ARG A 122 13.24 -36.35 2.76
CA ARG A 122 11.89 -36.86 2.42
C ARG A 122 11.93 -38.38 2.44
N ILE A 123 10.81 -38.96 2.93
CA ILE A 123 10.49 -40.41 2.93
C ILE A 123 10.04 -40.75 1.53
N ASN A 124 10.89 -41.42 0.76
CA ASN A 124 10.69 -41.71 -0.69
C ASN A 124 9.89 -43.00 -0.86
N VAL A 125 8.78 -42.93 -1.60
CA VAL A 125 7.94 -44.10 -2.01
C VAL A 125 7.87 -44.16 -3.55
N ILE A 126 8.04 -45.34 -4.13
CA ILE A 126 8.08 -45.63 -5.59
C ILE A 126 7.06 -46.73 -5.93
N LEU A 127 6.05 -46.46 -6.75
CA LEU A 127 5.13 -47.50 -7.28
C LEU A 127 5.83 -48.26 -8.41
N SER A 128 5.75 -49.60 -8.40
CA SER A 128 6.29 -50.47 -9.48
C SER A 128 5.70 -51.88 -9.40
N ARG A 129 5.56 -52.52 -10.56
CA ARG A 129 5.31 -53.99 -10.69
C ARG A 129 6.60 -54.59 -11.24
N THR A 130 7.17 -54.05 -12.30
CA THR A 130 8.40 -54.65 -12.88
C THR A 130 9.49 -54.76 -11.78
N LEU A 131 9.49 -53.90 -10.75
CA LEU A 131 10.61 -53.77 -9.78
C LEU A 131 10.16 -54.03 -8.33
N LYS A 132 11.02 -54.65 -7.53
CA LYS A 132 10.68 -55.01 -6.13
C LYS A 132 11.80 -54.49 -5.23
N LYS A 133 11.52 -54.34 -3.96
CA LYS A 133 12.48 -54.05 -2.88
C LYS A 133 13.93 -54.36 -3.32
N GLU A 134 14.19 -55.57 -3.82
CA GLU A 134 15.54 -56.13 -4.06
C GLU A 134 16.22 -55.40 -5.23
N ASP A 135 15.41 -54.75 -6.07
CA ASP A 135 15.90 -54.09 -7.30
C ASP A 135 16.48 -52.71 -6.97
N PHE A 136 16.49 -52.32 -5.67
CA PHE A 136 16.90 -50.96 -5.22
C PHE A 136 17.92 -51.00 -4.08
N ASP A 137 18.97 -50.19 -4.20
CA ASP A 137 20.00 -49.96 -3.15
C ASP A 137 19.58 -48.92 -2.09
N GLU A 138 18.52 -48.14 -2.28
CA GLU A 138 18.53 -46.70 -1.89
C GLU A 138 18.11 -46.34 -0.46
N ASP A 139 17.08 -46.97 0.09
CA ASP A 139 16.30 -46.37 1.21
C ASP A 139 15.05 -45.71 0.63
N VAL A 140 14.14 -46.54 0.17
CA VAL A 140 12.91 -46.15 -0.53
C VAL A 140 11.90 -47.21 -0.13
N TYR A 141 10.65 -46.85 0.00
CA TYR A 141 9.55 -47.82 0.14
C TYR A 141 9.13 -48.11 -1.29
N ILE A 142 9.11 -49.40 -1.66
CA ILE A 142 8.48 -49.92 -2.91
C ILE A 142 7.09 -50.43 -2.56
N ILE A 143 6.07 -49.95 -3.26
CA ILE A 143 4.68 -50.47 -3.16
C ILE A 143 4.20 -50.94 -4.53
N ASN A 144 3.40 -52.00 -4.51
CA ASN A 144 2.72 -52.65 -5.68
C ASN A 144 1.57 -51.83 -6.25
N LYS A 145 0.96 -50.97 -5.43
CA LYS A 145 -0.47 -50.60 -5.59
C LYS A 145 -0.80 -49.40 -4.67
N VAL A 146 -1.87 -48.68 -4.99
CA VAL A 146 -2.27 -47.45 -4.26
C VAL A 146 -2.74 -47.81 -2.84
N GLU A 147 -3.64 -48.77 -2.69
CA GLU A 147 -4.09 -49.12 -1.32
C GLU A 147 -2.84 -49.34 -0.45
N ASP A 148 -1.69 -49.72 -1.01
CA ASP A 148 -0.43 -49.96 -0.24
C ASP A 148 0.14 -48.65 0.31
N LEU A 149 -0.07 -47.51 -0.37
CA LEU A 149 0.34 -46.16 0.13
C LEU A 149 -0.49 -45.83 1.36
N ILE A 150 -1.81 -46.03 1.29
CA ILE A 150 -2.78 -45.71 2.39
C ILE A 150 -2.43 -46.54 3.64
N VAL A 151 -2.04 -47.80 3.45
CA VAL A 151 -1.62 -48.72 4.53
C VAL A 151 -0.39 -48.11 5.20
N LEU A 152 0.64 -47.86 4.40
CA LEU A 152 1.95 -47.28 4.83
C LEU A 152 1.72 -45.96 5.59
N LEU A 153 0.88 -45.06 5.07
CA LEU A 153 0.67 -43.72 5.66
C LEU A 153 0.01 -43.89 7.03
N GLY A 154 -0.81 -44.93 7.23
CA GLY A 154 -1.40 -45.27 8.55
C GLY A 154 -0.36 -45.78 9.56
N LYS A 155 0.85 -46.11 9.11
CA LYS A 155 1.96 -46.74 9.89
C LYS A 155 3.12 -45.75 10.08
N LEU A 156 3.31 -44.75 9.21
CA LEU A 156 4.45 -43.80 9.32
C LEU A 156 4.03 -42.55 10.10
N ASN A 157 4.96 -42.01 10.89
CA ASN A 157 4.98 -40.60 11.31
C ASN A 157 5.54 -39.75 10.15
N TYR A 158 4.67 -38.96 9.54
CA TYR A 158 5.02 -38.05 8.42
C TYR A 158 4.13 -36.82 8.49
N TYR A 159 4.53 -35.70 7.87
CA TYR A 159 3.76 -34.42 7.89
C TYR A 159 2.68 -34.44 6.82
N LYS A 160 3.06 -34.30 5.55
CA LYS A 160 2.18 -34.34 4.36
C LYS A 160 2.75 -35.36 3.36
N CYS A 161 1.88 -35.91 2.50
CA CYS A 161 2.19 -36.86 1.40
C CYS A 161 2.01 -36.15 0.06
N PHE A 162 3.06 -36.05 -0.77
CA PHE A 162 3.01 -35.42 -2.11
C PHE A 162 3.27 -36.46 -3.19
N ILE A 163 2.30 -36.54 -4.12
CA ILE A 163 2.32 -37.34 -5.36
C ILE A 163 3.14 -36.54 -6.38
N LEU A 164 4.28 -37.08 -6.83
CA LEU A 164 5.30 -36.34 -7.62
C LEU A 164 5.16 -36.67 -9.10
N GLY A 165 4.13 -37.44 -9.47
CA GLY A 165 3.95 -37.90 -10.87
C GLY A 165 4.68 -39.21 -11.10
N GLY A 166 4.78 -39.65 -12.36
CA GLY A 166 4.36 -38.93 -13.54
C GLY A 166 2.89 -39.13 -13.88
N SER A 167 2.55 -39.05 -15.18
CA SER A 167 1.16 -38.91 -15.72
C SER A 167 0.30 -40.10 -15.27
N VAL A 168 0.86 -41.30 -15.28
CA VAL A 168 0.13 -42.53 -14.89
C VAL A 168 -0.25 -42.39 -13.42
N VAL A 169 0.71 -42.03 -12.56
CA VAL A 169 0.46 -41.84 -11.11
C VAL A 169 -0.58 -40.71 -10.94
N TYR A 170 -0.46 -39.59 -11.66
CA TYR A 170 -1.42 -38.46 -11.52
C TYR A 170 -2.82 -38.96 -11.90
N GLN A 171 -2.92 -39.69 -13.02
CA GLN A 171 -4.23 -40.14 -13.58
C GLN A 171 -4.93 -40.95 -12.48
N GLU A 172 -4.27 -42.00 -12.01
CA GLU A 172 -4.85 -42.96 -11.05
C GLU A 172 -5.18 -42.28 -9.73
N PHE A 173 -4.43 -41.25 -9.31
CA PHE A 173 -4.63 -40.64 -7.97
C PHE A 173 -5.85 -39.74 -8.03
N LEU A 174 -6.12 -39.08 -9.17
CA LEU A 174 -7.30 -38.18 -9.31
C LEU A 174 -8.57 -39.00 -9.54
N GLU A 175 -8.52 -40.03 -10.40
CA GLU A 175 -9.74 -40.82 -10.71
C GLU A 175 -10.17 -41.60 -9.46
N LYS A 176 -9.28 -41.74 -8.46
CA LYS A 176 -9.57 -42.34 -7.14
C LYS A 176 -9.90 -41.23 -6.13
N LYS A 177 -10.00 -39.98 -6.55
CA LYS A 177 -10.35 -38.89 -5.62
C LYS A 177 -9.47 -39.01 -4.37
N LEU A 178 -8.15 -39.10 -4.55
CA LEU A 178 -7.17 -39.23 -3.44
C LEU A 178 -6.31 -37.96 -3.29
N ILE A 179 -6.55 -36.90 -4.09
CA ILE A 179 -5.80 -35.61 -4.06
C ILE A 179 -6.66 -34.50 -3.44
N LYS A 180 -6.18 -33.88 -2.36
CA LYS A 180 -6.85 -32.77 -1.62
C LYS A 180 -6.58 -31.43 -2.32
N LYS A 181 -5.33 -31.27 -2.80
CA LYS A 181 -4.87 -30.06 -3.53
C LYS A 181 -3.83 -30.47 -4.57
N ILE A 182 -3.71 -29.67 -5.61
CA ILE A 182 -2.72 -29.76 -6.70
C ILE A 182 -1.91 -28.48 -6.64
N TYR A 183 -0.63 -28.58 -6.28
CA TYR A 183 0.40 -27.53 -6.49
C TYR A 183 0.89 -27.66 -7.93
N PHE A 184 0.29 -26.86 -8.79
CA PHE A 184 0.45 -26.87 -10.27
C PHE A 184 1.26 -25.63 -10.66
N THR A 185 2.45 -25.82 -11.23
CA THR A 185 3.33 -24.75 -11.76
C THR A 185 3.05 -24.54 -13.26
N ARG A 186 2.72 -23.32 -13.69
CA ARG A 186 2.47 -23.01 -15.13
C ARG A 186 3.77 -22.49 -15.75
N ILE A 187 4.44 -23.32 -16.54
CA ILE A 187 5.66 -22.94 -17.33
C ILE A 187 5.12 -22.28 -18.60
N ASN A 188 5.35 -20.97 -18.78
CA ASN A 188 4.70 -20.20 -19.88
C ASN A 188 5.64 -20.16 -21.09
N SER A 189 6.09 -21.34 -21.55
CA SER A 189 6.79 -21.59 -22.84
C SER A 189 6.29 -22.93 -23.40
N THR A 190 6.59 -23.23 -24.67
CA THR A 190 6.15 -24.47 -25.34
C THR A 190 7.35 -25.38 -25.51
N TYR A 191 7.18 -26.68 -25.28
CA TYR A 191 8.19 -27.73 -25.54
C TYR A 191 7.50 -28.99 -26.09
N GLU A 192 8.32 -29.86 -26.69
CA GLU A 192 7.92 -31.21 -27.15
C GLU A 192 7.63 -32.06 -25.90
N CYS A 193 6.46 -32.68 -25.89
CA CYS A 193 5.92 -33.47 -24.77
C CYS A 193 5.37 -34.78 -25.33
N ASP A 194 5.59 -35.90 -24.64
CA ASP A 194 4.94 -37.17 -25.05
C ASP A 194 3.95 -37.59 -23.95
N VAL A 195 3.94 -36.91 -22.80
CA VAL A 195 2.96 -37.18 -21.70
C VAL A 195 2.49 -35.86 -21.10
N PHE A 196 1.27 -35.94 -20.59
CA PHE A 196 0.37 -34.81 -20.27
C PHE A 196 -0.28 -35.08 -18.93
N PHE A 197 -0.58 -34.00 -18.22
CA PHE A 197 -1.39 -34.01 -16.99
C PHE A 197 -2.84 -34.20 -17.43
N PRO A 198 -3.68 -34.98 -16.72
CA PRO A 198 -5.07 -35.17 -17.11
C PRO A 198 -5.80 -33.83 -17.09
N GLU A 199 -6.86 -33.70 -17.89
CA GLU A 199 -7.72 -32.50 -17.88
C GLU A 199 -8.32 -32.41 -16.46
N ILE A 200 -8.06 -31.34 -15.75
CA ILE A 200 -8.65 -31.17 -14.41
C ILE A 200 -10.13 -30.81 -14.63
N ASN A 201 -11.02 -31.56 -13.98
CA ASN A 201 -12.48 -31.32 -13.97
C ASN A 201 -12.77 -30.08 -13.09
N GLU A 202 -13.39 -29.03 -13.66
CA GLU A 202 -13.74 -27.77 -12.93
C GLU A 202 -14.74 -28.04 -11.81
N ASN A 203 -15.67 -28.99 -11.98
CA ASN A 203 -16.64 -29.33 -10.92
C ASN A 203 -15.85 -29.90 -9.73
N GLU A 204 -14.82 -30.70 -9.99
CA GLU A 204 -14.02 -31.43 -8.97
C GLU A 204 -13.00 -30.50 -8.29
N TYR A 205 -12.36 -29.60 -9.04
CA TYR A 205 -11.27 -28.72 -8.51
C TYR A 205 -11.50 -27.28 -8.97
N GLN A 206 -11.40 -26.32 -8.04
CA GLN A 206 -11.25 -24.88 -8.35
C GLN A 206 -9.89 -24.38 -7.83
N ILE A 207 -9.31 -23.42 -8.55
CA ILE A 207 -8.10 -22.65 -8.14
C ILE A 207 -8.50 -21.78 -6.96
N ILE A 208 -7.74 -21.78 -5.86
CA ILE A 208 -7.99 -20.91 -4.65
C ILE A 208 -6.85 -19.90 -4.45
N SER A 209 -5.73 -20.01 -5.15
CA SER A 209 -4.57 -19.15 -4.88
C SER A 209 -3.68 -19.11 -6.11
N VAL A 210 -3.18 -17.94 -6.46
CA VAL A 210 -2.23 -17.83 -7.61
C VAL A 210 -1.11 -16.92 -7.16
N SER A 211 0.12 -17.37 -7.39
CA SER A 211 1.35 -16.76 -6.83
C SER A 211 1.71 -15.53 -7.65
N ASP A 212 2.81 -14.89 -7.25
CA ASP A 212 3.54 -13.89 -8.07
C ASP A 212 4.00 -14.59 -9.36
N VAL A 213 4.37 -13.79 -10.38
CA VAL A 213 4.91 -14.27 -11.68
C VAL A 213 6.41 -14.02 -11.66
N TYR A 214 7.21 -15.04 -12.01
CA TYR A 214 8.68 -14.93 -12.05
C TYR A 214 9.19 -15.25 -13.45
N THR A 215 10.46 -14.93 -13.69
CA THR A 215 11.29 -15.42 -14.82
C THR A 215 12.41 -16.33 -14.27
N SER A 216 12.56 -17.50 -14.86
CA SER A 216 13.65 -18.46 -14.59
C SER A 216 14.05 -19.10 -15.92
N ASN A 217 15.34 -19.06 -16.24
CA ASN A 217 15.88 -19.78 -17.41
C ASN A 217 15.17 -19.39 -18.72
N ASN A 218 14.94 -18.09 -18.94
CA ASN A 218 14.30 -17.52 -20.17
C ASN A 218 12.83 -17.91 -20.32
N THR A 219 12.12 -18.23 -19.23
CA THR A 219 10.64 -18.45 -19.26
C THR A 219 10.02 -17.83 -18.01
N THR A 220 8.82 -17.26 -18.16
CA THR A 220 7.98 -16.85 -17.01
C THR A 220 7.25 -18.08 -16.52
N LEU A 221 6.84 -18.02 -15.26
CA LEU A 221 6.04 -19.05 -14.61
C LEU A 221 5.38 -18.45 -13.38
N ASP A 222 4.34 -19.13 -12.93
CA ASP A 222 3.70 -18.86 -11.64
C ASP A 222 3.27 -20.19 -11.03
N PHE A 223 2.80 -20.11 -9.80
CA PHE A 223 2.40 -21.26 -9.00
C PHE A 223 0.94 -21.08 -8.60
N ILE A 224 0.09 -22.03 -9.01
CA ILE A 224 -1.34 -22.02 -8.65
C ILE A 224 -1.63 -23.27 -7.84
N ILE A 225 -2.63 -23.16 -6.98
CA ILE A 225 -3.15 -24.21 -6.06
C ILE A 225 -4.61 -24.45 -6.47
N TYR A 226 -4.94 -25.67 -6.90
CA TYR A 226 -6.32 -26.18 -7.04
C TYR A 226 -6.73 -26.84 -5.72
N LYS A 227 -7.98 -26.68 -5.26
CA LYS A 227 -8.54 -27.34 -4.06
C LYS A 227 -9.70 -28.25 -4.49
N LYS A 228 -9.84 -29.43 -3.88
CA LYS A 228 -11.04 -30.33 -3.99
C LYS A 228 -12.25 -29.52 -3.61
N THR A 229 -13.30 -29.53 -4.44
CA THR A 229 -14.48 -28.63 -4.30
C THR A 229 -15.52 -29.18 -3.31
N ASN A 230 -16.35 -28.26 -2.81
CA ASN A 230 -17.63 -28.47 -2.07
C ASN A 230 -18.57 -29.35 -2.91
N ASN A 231 -18.70 -29.02 -4.21
CA ASN A 231 -19.37 -29.80 -5.28
C ASN A 231 -18.44 -30.97 -5.68
N ASP A 283 -0.35 -15.86 23.39
CA ASP A 283 -1.10 -14.58 23.33
C ASP A 283 -2.17 -14.68 22.24
N ASP A 284 -3.46 -14.54 22.61
CA ASP A 284 -4.58 -14.35 21.65
C ASP A 284 -5.66 -13.47 22.30
N GLU A 285 -5.25 -12.51 23.15
CA GLU A 285 -6.09 -11.36 23.59
C GLU A 285 -6.06 -10.32 22.45
N GLU A 286 -4.90 -10.23 21.78
CA GLU A 286 -4.61 -9.37 20.58
C GLU A 286 -5.43 -9.83 19.37
N GLU A 287 -6.12 -10.98 19.45
CA GLU A 287 -7.20 -11.36 18.51
C GLU A 287 -8.33 -10.32 18.62
N ASP A 288 -8.62 -9.87 19.85
CA ASP A 288 -9.83 -9.08 20.24
C ASP A 288 -9.58 -7.57 20.06
N ASP A 289 -8.40 -7.09 20.46
CA ASP A 289 -7.93 -5.70 20.23
C ASP A 289 -8.18 -5.30 18.77
N PHE A 290 -8.06 -6.23 17.83
CA PHE A 290 -8.36 -6.02 16.41
C PHE A 290 -9.79 -5.48 16.27
N VAL A 291 -10.76 -6.09 16.98
CA VAL A 291 -12.22 -5.83 16.79
C VAL A 291 -12.57 -4.52 17.50
N TYR A 292 -12.04 -4.33 18.70
CA TYR A 292 -12.15 -3.05 19.46
C TYR A 292 -11.71 -1.92 18.53
N PHE A 293 -10.54 -2.07 17.93
CA PHE A 293 -9.87 -1.04 17.10
C PHE A 293 -10.66 -0.79 15.81
N ASN A 294 -11.57 -1.68 15.38
CA ASN A 294 -12.39 -1.53 14.14
C ASN A 294 -13.83 -1.17 14.50
N PHE A 295 -14.03 -0.45 15.61
CA PHE A 295 -15.37 -0.18 16.19
C PHE A 295 -16.15 0.84 15.35
N ASN A 296 -15.46 1.69 14.58
CA ASN A 296 -16.11 2.85 13.89
C ASN A 296 -16.44 2.52 12.43
N LYS A 297 -16.03 1.35 11.92
CA LYS A 297 -16.16 0.99 10.48
C LYS A 297 -17.64 1.01 10.06
N GLU A 298 -17.98 1.95 9.18
CA GLU A 298 -19.34 2.21 8.61
C GLU A 298 -19.81 0.96 7.84
N LYS A 299 -19.27 0.72 6.64
CA LYS A 299 -19.66 -0.41 5.74
C LYS A 299 -19.66 -1.72 6.54
N GLU A 300 -20.84 -2.22 6.92
CA GLU A 300 -21.05 -3.56 7.52
C GLU A 300 -21.99 -4.36 6.60
N GLU A 301 -21.62 -4.48 5.33
CA GLU A 301 -22.43 -5.08 4.22
C GLU A 301 -23.63 -4.15 3.93
N LYS A 302 -23.35 -2.87 3.65
CA LYS A 302 -24.36 -1.83 3.32
C LYS A 302 -24.80 -1.95 1.85
N ASN A 303 -23.90 -2.41 0.96
CA ASN A 303 -23.96 -2.25 -0.52
C ASN A 303 -23.62 -0.77 -0.83
N LYS A 304 -22.44 -0.31 -0.35
CA LYS A 304 -21.94 1.10 -0.39
C LYS A 304 -22.26 1.69 -1.76
N ASN A 305 -21.62 1.16 -2.80
CA ASN A 305 -22.10 1.22 -4.19
C ASN A 305 -22.85 -0.07 -4.48
N SER A 306 -23.81 0.04 -5.42
CA SER A 306 -24.93 -0.90 -5.70
C SER A 306 -24.49 -2.06 -6.61
N ILE A 307 -23.20 -2.42 -6.58
CA ILE A 307 -22.66 -3.66 -7.19
C ILE A 307 -22.82 -4.77 -6.13
N HIS A 308 -23.08 -6.00 -6.56
CA HIS A 308 -23.43 -7.14 -5.66
C HIS A 308 -22.25 -8.08 -5.55
N PRO A 309 -21.50 -8.10 -4.41
CA PRO A 309 -20.41 -9.06 -4.22
C PRO A 309 -20.64 -10.45 -4.83
N ASN A 310 -21.85 -11.02 -4.67
CA ASN A 310 -22.21 -12.40 -5.13
C ASN A 310 -21.94 -12.54 -6.64
N ASP A 311 -21.88 -11.46 -7.42
CA ASP A 311 -21.50 -11.53 -8.87
C ASP A 311 -20.00 -11.78 -9.07
N PHE A 312 -19.14 -11.36 -8.12
CA PHE A 312 -17.68 -11.64 -8.06
C PHE A 312 -17.38 -12.94 -7.26
N GLN A 313 -18.10 -14.03 -7.54
CA GLN A 313 -17.98 -15.30 -6.76
C GLN A 313 -16.54 -15.81 -6.82
N ILE A 314 -16.03 -16.02 -8.01
CA ILE A 314 -14.64 -16.51 -8.25
C ILE A 314 -13.64 -15.56 -7.59
N TYR A 315 -13.70 -14.26 -7.90
CA TYR A 315 -12.72 -13.24 -7.44
C TYR A 315 -12.62 -13.34 -5.93
N ASN A 316 -13.78 -13.41 -5.25
CA ASN A 316 -13.84 -13.38 -3.76
C ASN A 316 -13.44 -14.72 -3.20
N SER A 317 -13.57 -15.81 -3.95
CA SER A 317 -13.32 -17.19 -3.47
C SER A 317 -11.80 -17.46 -3.38
N LEU A 318 -10.97 -16.74 -4.14
CA LEU A 318 -9.50 -16.94 -4.10
C LEU A 318 -9.00 -16.41 -2.76
N LYS A 319 -7.95 -17.00 -2.22
CA LYS A 319 -7.39 -16.68 -0.88
C LYS A 319 -6.10 -15.91 -1.14
N TYR A 320 -5.17 -16.46 -1.91
CA TYR A 320 -3.90 -15.78 -2.20
C TYR A 320 -3.92 -15.26 -3.64
N LYS A 321 -4.15 -13.96 -3.81
CA LYS A 321 -4.21 -13.27 -5.13
C LYS A 321 -2.91 -12.48 -5.33
N TYR A 322 -1.83 -13.18 -5.63
CA TYR A 322 -0.45 -12.60 -5.63
C TYR A 322 0.03 -12.33 -7.05
N HIS A 323 -0.64 -12.83 -8.09
CA HIS A 323 -0.39 -12.39 -9.50
C HIS A 323 -0.42 -10.87 -9.54
N PRO A 324 0.59 -10.18 -10.13
CA PRO A 324 0.59 -8.72 -10.20
C PRO A 324 -0.61 -8.16 -11.00
N GLU A 325 -1.22 -8.95 -11.87
CA GLU A 325 -2.41 -8.43 -12.56
C GLU A 325 -3.44 -8.00 -11.51
N TYR A 326 -3.41 -8.59 -10.29
CA TYR A 326 -4.42 -8.30 -9.23
C TYR A 326 -4.21 -6.91 -8.65
N GLN A 327 -3.05 -6.31 -8.88
CA GLN A 327 -2.81 -4.89 -8.49
C GLN A 327 -3.77 -4.00 -9.24
N TYR A 328 -4.05 -4.34 -10.50
CA TYR A 328 -4.99 -3.63 -11.39
C TYR A 328 -6.40 -4.11 -11.09
N LEU A 329 -6.55 -5.40 -10.87
CA LEU A 329 -7.90 -5.95 -10.68
C LEU A 329 -8.50 -5.48 -9.35
N ASN A 330 -7.68 -5.36 -8.30
CA ASN A 330 -8.12 -4.99 -6.93
C ASN A 330 -8.51 -3.52 -6.82
N ILE A 331 -8.01 -2.67 -7.75
CA ILE A 331 -8.31 -1.21 -7.79
C ILE A 331 -9.69 -1.04 -8.41
N ILE A 332 -9.99 -1.84 -9.44
CA ILE A 332 -11.34 -1.90 -10.04
C ILE A 332 -12.32 -2.41 -8.99
N TYR A 333 -11.93 -3.42 -8.21
CA TYR A 333 -12.80 -3.87 -7.10
C TYR A 333 -12.99 -2.66 -6.15
N ASP A 334 -11.89 -1.98 -5.79
CA ASP A 334 -11.93 -0.90 -4.78
C ASP A 334 -12.80 0.22 -5.34
N ILE A 335 -12.52 0.69 -6.55
CA ILE A 335 -13.33 1.76 -7.20
C ILE A 335 -14.80 1.33 -7.23
N MET A 336 -15.11 0.06 -7.48
CA MET A 336 -16.53 -0.34 -7.69
C MET A 336 -17.22 -0.39 -6.33
N MET A 337 -16.53 -0.89 -5.32
CA MET A 337 -17.15 -1.12 -4.01
C MET A 337 -17.23 0.22 -3.27
N ASN A 338 -16.28 1.14 -3.47
CA ASN A 338 -16.06 2.34 -2.62
C ASN A 338 -16.02 3.65 -3.42
N GLY A 339 -16.08 3.59 -4.73
CA GLY A 339 -15.99 4.79 -5.60
C GLY A 339 -17.04 5.86 -5.24
N ASN A 340 -16.70 7.10 -5.55
CA ASN A 340 -17.63 8.25 -5.48
C ASN A 340 -18.32 8.35 -6.84
N LYS A 341 -19.64 8.53 -6.84
CA LYS A 341 -20.45 8.74 -8.07
C LYS A 341 -20.29 10.19 -8.56
N GLN A 342 -19.80 10.40 -9.78
CA GLN A 342 -19.61 11.76 -10.35
C GLN A 342 -20.07 11.77 -11.82
N SER A 343 -20.51 12.92 -12.31
CA SER A 343 -20.89 13.10 -13.74
C SER A 343 -19.75 13.91 -14.39
N ASP A 344 -18.90 13.24 -15.15
CA ASP A 344 -17.59 13.76 -15.65
C ASP A 344 -17.84 14.61 -16.92
N ARG A 345 -16.73 14.99 -17.58
CA ARG A 345 -16.58 16.03 -18.64
C ARG A 345 -17.78 16.14 -19.61
N THR A 346 -18.53 15.05 -19.83
CA THR A 346 -19.56 14.94 -20.91
C THR A 346 -20.97 14.70 -20.31
N GLY A 347 -21.07 14.18 -19.07
CA GLY A 347 -22.30 13.71 -18.42
C GLY A 347 -22.38 12.18 -18.37
N VAL A 348 -21.30 11.48 -18.78
CA VAL A 348 -21.24 10.01 -18.94
C VAL A 348 -21.51 9.34 -17.58
N GLY A 349 -20.76 9.73 -16.55
CA GLY A 349 -20.91 9.15 -15.20
C GLY A 349 -19.84 8.10 -14.88
N VAL A 350 -19.19 8.23 -13.74
CA VAL A 350 -18.12 7.33 -13.29
C VAL A 350 -18.34 7.01 -11.81
N LEU A 351 -17.65 5.99 -11.32
CA LEU A 351 -17.21 5.89 -9.91
C LEU A 351 -15.74 6.25 -9.93
N SER A 352 -15.28 7.06 -8.97
CA SER A 352 -13.91 7.60 -8.96
C SER A 352 -13.34 7.50 -7.56
N LYS A 353 -12.02 7.32 -7.49
CA LYS A 353 -11.17 7.39 -6.28
C LYS A 353 -9.92 8.21 -6.62
N PHE A 354 -9.11 8.51 -5.61
CA PHE A 354 -8.01 9.48 -5.73
C PHE A 354 -6.79 8.90 -5.05
N GLY A 355 -5.74 8.65 -5.85
CA GLY A 355 -4.41 8.23 -5.40
C GLY A 355 -4.29 6.73 -5.31
N TYR A 356 -3.60 6.09 -6.24
CA TYR A 356 -3.22 4.67 -6.11
C TYR A 356 -1.80 4.52 -6.66
N ILE A 357 -1.08 3.51 -6.19
CA ILE A 357 0.20 3.07 -6.79
C ILE A 357 0.14 1.58 -7.16
N MET A 358 0.58 1.24 -8.38
CA MET A 358 0.86 -0.13 -8.86
C MET A 358 2.36 -0.23 -9.20
N LYS A 359 3.03 -1.30 -8.73
CA LYS A 359 4.44 -1.64 -9.07
C LYS A 359 4.47 -2.98 -9.82
N PHE A 360 5.08 -2.96 -11.00
CA PHE A 360 5.33 -4.15 -11.84
C PHE A 360 6.83 -4.38 -11.96
N ASP A 361 7.25 -5.64 -11.83
CA ASP A 361 8.66 -6.08 -11.89
C ASP A 361 8.93 -6.49 -13.33
N LEU A 362 9.45 -5.55 -14.12
CA LEU A 362 9.79 -5.74 -15.56
C LEU A 362 10.93 -6.74 -15.74
N SER A 363 11.69 -7.08 -14.70
CA SER A 363 12.78 -8.09 -14.82
C SER A 363 12.17 -9.49 -14.68
N GLN A 364 10.94 -9.57 -14.20
CA GLN A 364 10.27 -10.86 -13.93
C GLN A 364 9.18 -11.11 -14.97
N TYR A 365 8.68 -10.06 -15.63
CA TYR A 365 7.63 -10.15 -16.67
C TYR A 365 7.38 -8.80 -17.39
N PHE A 366 6.53 -8.91 -18.39
CA PHE A 366 5.89 -7.78 -19.10
C PHE A 366 4.43 -7.80 -18.68
N PRO A 367 3.91 -6.75 -17.99
CA PRO A 367 2.56 -6.78 -17.45
C PRO A 367 1.50 -6.37 -18.48
N LEU A 368 1.41 -7.11 -19.59
CA LEU A 368 0.23 -7.10 -20.47
C LEU A 368 -0.91 -7.88 -19.80
N LEU A 369 -2.05 -7.24 -19.50
CA LEU A 369 -3.17 -7.90 -18.76
C LEU A 369 -3.61 -9.16 -19.49
N THR A 370 -3.92 -10.19 -18.73
CA THR A 370 -4.23 -11.53 -19.28
C THR A 370 -5.74 -11.76 -19.24
N THR A 371 -6.49 -10.99 -18.43
CA THR A 371 -7.94 -11.27 -18.18
C THR A 371 -8.78 -10.67 -19.31
N LYS A 372 -8.12 -10.17 -20.36
CA LYS A 372 -8.79 -9.79 -21.62
C LYS A 372 -7.68 -9.68 -22.66
N LYS A 373 -8.01 -9.83 -23.93
CA LYS A 373 -7.02 -9.74 -25.04
C LYS A 373 -6.66 -8.26 -25.21
N LEU A 374 -5.37 -7.99 -25.37
CA LEU A 374 -4.77 -6.66 -25.67
C LEU A 374 -3.82 -6.81 -26.84
N PHE A 375 -4.00 -6.00 -27.88
CA PHE A 375 -3.06 -5.82 -29.03
C PHE A 375 -2.18 -4.59 -28.73
N LEU A 376 -0.86 -4.68 -28.91
CA LEU A 376 0.11 -3.59 -28.61
C LEU A 376 0.67 -2.92 -29.88
N ARG A 377 0.25 -3.27 -31.09
CA ARG A 377 0.82 -2.64 -32.32
C ARG A 377 0.56 -1.12 -32.31
N GLY A 378 -0.68 -0.74 -32.02
CA GLY A 378 -1.14 0.66 -31.98
C GLY A 378 -0.37 1.49 -30.98
N ILE A 379 -0.21 0.99 -29.75
CA ILE A 379 0.44 1.74 -28.64
C ILE A 379 1.95 1.70 -28.81
N ILE A 380 2.49 0.66 -29.44
CA ILE A 380 3.95 0.70 -29.78
C ILE A 380 4.16 1.79 -30.83
N GLU A 381 3.33 1.88 -31.88
CA GLU A 381 3.45 2.93 -32.95
C GLU A 381 3.16 4.33 -32.36
N GLU A 382 2.24 4.47 -31.40
CA GLU A 382 2.10 5.72 -30.63
C GLU A 382 3.42 6.07 -29.94
N LEU A 383 4.12 5.11 -29.34
CA LEU A 383 5.31 5.42 -28.51
C LEU A 383 6.45 5.88 -29.44
N LEU A 384 6.51 5.29 -30.62
CA LEU A 384 7.57 5.65 -31.60
C LEU A 384 7.23 7.05 -32.14
N TRP A 385 5.95 7.33 -32.40
CA TRP A 385 5.47 8.65 -32.87
C TRP A 385 5.89 9.73 -31.85
N PHE A 386 5.65 9.51 -30.57
CA PHE A 386 6.08 10.39 -29.46
C PHE A 386 7.59 10.66 -29.51
N ILE A 387 8.37 9.61 -29.62
CA ILE A 387 9.84 9.66 -29.50
C ILE A 387 10.37 10.48 -30.67
N ARG A 388 9.79 10.32 -31.86
CA ARG A 388 10.20 11.10 -33.06
C ARG A 388 9.82 12.58 -32.90
N GLY A 389 9.01 12.93 -31.90
CA GLY A 389 8.60 14.30 -31.59
C GLY A 389 7.35 14.70 -32.36
N GLU A 390 6.63 13.74 -32.95
CA GLU A 390 5.59 14.04 -33.98
C GLU A 390 4.29 14.47 -33.32
N THR A 391 3.52 15.29 -34.01
CA THR A 391 2.18 15.70 -33.54
C THR A 391 1.17 15.52 -34.67
N ASN A 392 1.60 14.90 -35.78
CA ASN A 392 0.78 14.77 -37.00
C ASN A 392 -0.08 13.51 -36.89
N GLY A 393 -1.38 13.66 -36.63
CA GLY A 393 -2.30 12.51 -36.43
C GLY A 393 -2.42 11.64 -37.67
N ASN A 394 -2.15 12.19 -38.86
CA ASN A 394 -2.20 11.45 -40.15
C ASN A 394 -1.19 10.30 -40.12
N THR A 395 -0.06 10.47 -39.44
CA THR A 395 1.04 9.47 -39.50
C THR A 395 0.54 8.17 -38.89
N LEU A 396 -0.21 8.28 -37.80
CA LEU A 396 -0.85 7.13 -37.13
C LEU A 396 -1.96 6.62 -38.04
N LEU A 397 -2.89 7.46 -38.48
CA LEU A 397 -3.98 7.04 -39.40
C LEU A 397 -3.45 6.20 -40.59
N ASN A 398 -2.33 6.55 -41.21
CA ASN A 398 -1.78 5.83 -42.41
C ASN A 398 -1.15 4.48 -42.01
N LYS A 399 -0.87 4.24 -40.71
CA LYS A 399 -0.46 2.93 -40.15
C LYS A 399 -1.67 2.24 -39.50
N ASN A 400 -2.86 2.72 -39.79
CA ASN A 400 -4.14 2.15 -39.33
C ASN A 400 -4.17 2.14 -37.80
N VAL A 401 -3.59 3.17 -37.19
CA VAL A 401 -3.72 3.42 -35.73
C VAL A 401 -4.64 4.62 -35.53
N ARG A 402 -5.79 4.38 -34.89
CA ARG A 402 -6.95 5.32 -34.75
C ARG A 402 -6.99 5.86 -33.31
N ILE A 403 -5.93 5.63 -32.52
CA ILE A 403 -5.88 6.08 -31.11
C ILE A 403 -6.26 7.56 -30.98
N TRP A 404 -5.81 8.41 -31.92
CA TRP A 404 -5.94 9.89 -31.80
C TRP A 404 -6.94 10.48 -32.79
N GLU A 405 -7.64 9.63 -33.54
CA GLU A 405 -8.55 10.06 -34.63
C GLU A 405 -9.62 11.03 -34.10
N ALA A 406 -10.33 10.70 -33.03
CA ALA A 406 -11.48 11.49 -32.54
C ALA A 406 -10.98 12.88 -32.09
N ASN A 407 -9.71 12.99 -31.71
CA ASN A 407 -9.16 14.20 -31.05
C ASN A 407 -8.62 15.10 -32.13
N GLY A 408 -8.72 14.70 -33.41
CA GLY A 408 -8.22 15.54 -34.52
C GLY A 408 -9.29 15.97 -35.50
N THR A 409 -10.58 15.77 -35.20
CA THR A 409 -11.67 16.12 -36.17
C THR A 409 -11.80 17.63 -36.25
N ARG A 410 -12.44 18.13 -37.30
CA ARG A 410 -12.78 19.56 -37.41
C ARG A 410 -13.57 19.95 -36.16
N GLU A 411 -14.57 19.15 -35.82
CA GLU A 411 -15.53 19.47 -34.74
C GLU A 411 -14.77 19.45 -33.43
N PHE A 412 -14.01 18.39 -33.18
CA PHE A 412 -13.40 18.24 -31.84
C PHE A 412 -12.49 19.45 -31.62
N LEU A 413 -11.64 19.79 -32.60
CA LEU A 413 -10.66 20.91 -32.59
C LEU A 413 -11.40 22.25 -32.44
N ASP A 414 -12.42 22.50 -33.27
CA ASP A 414 -13.27 23.74 -33.16
C ASP A 414 -13.82 23.86 -31.73
N ASN A 415 -14.33 22.77 -31.14
CA ASN A 415 -14.97 22.82 -29.79
C ASN A 415 -13.91 23.06 -28.72
N ARG A 416 -12.62 22.88 -29.04
CA ARG A 416 -11.47 23.18 -28.16
C ARG A 416 -10.98 24.57 -28.48
N LYS A 417 -11.72 25.27 -29.35
CA LYS A 417 -11.45 26.67 -29.78
C LYS A 417 -10.17 26.70 -30.62
N LEU A 418 -9.71 25.54 -31.10
CA LEU A 418 -8.59 25.46 -32.07
C LEU A 418 -9.12 25.60 -33.50
N PHE A 419 -9.73 26.76 -33.82
CA PHE A 419 -10.38 27.07 -35.12
C PHE A 419 -9.33 27.22 -36.21
N HIS A 420 -8.11 27.58 -35.84
CA HIS A 420 -7.01 27.79 -36.81
C HIS A 420 -6.09 26.57 -36.87
N ARG A 421 -6.52 25.43 -36.33
CA ARG A 421 -5.72 24.20 -36.35
C ARG A 421 -6.30 23.26 -37.42
N GLU A 422 -5.42 22.74 -38.28
CA GLU A 422 -5.73 21.80 -39.39
C GLU A 422 -6.14 20.48 -38.75
N VAL A 423 -7.10 19.81 -39.39
CA VAL A 423 -7.58 18.43 -39.07
C VAL A 423 -6.36 17.54 -38.81
N ASN A 424 -6.34 16.90 -37.65
CA ASN A 424 -5.32 15.92 -37.23
C ASN A 424 -4.03 16.61 -36.78
N ASP A 425 -3.93 17.93 -36.88
CA ASP A 425 -2.79 18.68 -36.29
C ASP A 425 -3.07 18.76 -34.79
N LEU A 426 -2.51 17.87 -33.97
CA LEU A 426 -2.92 17.76 -32.54
C LEU A 426 -2.20 18.84 -31.69
N GLY A 427 -1.37 19.67 -32.29
CA GLY A 427 -0.74 20.76 -31.51
C GLY A 427 0.36 20.21 -30.61
N PRO A 428 0.81 20.99 -29.60
CA PRO A 428 2.02 20.66 -28.85
C PRO A 428 1.77 19.59 -27.77
N ILE A 429 1.49 18.37 -28.23
CA ILE A 429 1.21 17.20 -27.37
C ILE A 429 2.55 16.50 -27.10
N TYR A 430 2.47 15.29 -26.53
CA TYR A 430 3.56 14.57 -25.83
C TYR A 430 4.85 14.66 -26.62
N GLY A 431 4.80 14.23 -27.90
CA GLY A 431 5.98 14.20 -28.77
C GLY A 431 6.70 15.55 -28.76
N PHE A 432 5.94 16.64 -28.95
CA PHE A 432 6.47 18.00 -29.06
C PHE A 432 7.18 18.36 -27.75
N GLN A 433 6.52 18.06 -26.64
CA GLN A 433 7.03 18.42 -25.29
C GLN A 433 8.27 17.59 -24.97
N TRP A 434 8.35 16.36 -25.48
CA TRP A 434 9.46 15.43 -25.14
C TRP A 434 10.77 15.89 -25.84
N ARG A 435 10.65 16.45 -27.04
CA ARG A 435 11.79 16.76 -27.91
C ARG A 435 12.04 18.29 -27.95
N HIS A 436 11.04 19.12 -27.57
CA HIS A 436 11.05 20.60 -27.81
C HIS A 436 10.30 21.41 -26.75
N PHE A 437 10.22 20.97 -25.50
CA PHE A 437 9.45 21.70 -24.46
C PHE A 437 9.95 23.14 -24.44
N GLY A 438 9.02 24.09 -24.65
CA GLY A 438 9.23 25.54 -24.51
C GLY A 438 9.35 26.27 -25.84
N ALA A 439 9.55 25.57 -26.95
CA ALA A 439 9.47 26.15 -28.31
C ALA A 439 8.02 26.58 -28.57
N GLU A 440 7.86 27.68 -29.31
CA GLU A 440 6.54 28.15 -29.79
C GLU A 440 6.08 27.15 -30.86
N TYR A 441 4.99 26.45 -30.61
CA TYR A 441 4.40 25.48 -31.58
C TYR A 441 3.82 26.29 -32.74
N THR A 442 4.08 25.89 -33.97
CA THR A 442 3.55 26.52 -35.21
C THR A 442 2.47 25.59 -35.77
N ASN A 443 2.89 24.49 -36.39
CA ASN A 443 2.03 23.46 -37.04
C ASN A 443 2.77 22.13 -37.07
N MET A 444 2.05 21.04 -37.31
CA MET A 444 2.59 19.66 -37.20
C MET A 444 3.69 19.39 -38.23
N TYR A 445 3.92 20.28 -39.19
CA TYR A 445 4.85 20.00 -40.31
C TYR A 445 6.16 20.78 -40.14
N ASP A 446 6.27 21.61 -39.11
CA ASP A 446 7.42 22.53 -38.95
C ASP A 446 8.63 21.72 -38.49
N ASN A 447 9.80 22.21 -38.86
CA ASN A 447 11.12 21.74 -38.39
C ASN A 447 11.39 22.51 -37.09
N TYR A 448 11.43 21.79 -35.98
CA TYR A 448 11.62 22.35 -34.61
C TYR A 448 13.03 22.01 -34.10
N GLU A 449 14.01 21.86 -34.99
CA GLU A 449 15.34 21.31 -34.62
C GLU A 449 16.05 22.33 -33.73
N ASN A 450 16.54 21.89 -32.56
CA ASN A 450 17.34 22.69 -31.58
C ASN A 450 16.49 23.85 -31.04
N LYS A 451 15.17 23.66 -31.00
CA LYS A 451 14.17 24.60 -30.43
C LYS A 451 13.59 23.97 -29.17
N GLY A 452 13.53 24.73 -28.10
CA GLY A 452 13.10 24.24 -26.77
C GLY A 452 13.99 23.12 -26.27
N VAL A 453 13.58 22.48 -25.17
CA VAL A 453 14.44 21.53 -24.42
C VAL A 453 14.10 20.14 -24.91
N ASP A 454 15.12 19.38 -25.32
CA ASP A 454 15.06 17.94 -25.67
C ASP A 454 15.18 17.16 -24.35
N GLN A 455 14.06 17.12 -23.62
CA GLN A 455 13.94 16.40 -22.35
C GLN A 455 14.44 14.97 -22.55
N LEU A 456 13.94 14.30 -23.60
CA LEU A 456 14.21 12.85 -23.82
C LEU A 456 15.73 12.62 -23.83
N LYS A 457 16.47 13.45 -24.57
CA LYS A 457 17.94 13.38 -24.73
C LYS A 457 18.59 13.61 -23.36
N ASN A 458 18.14 14.65 -22.68
CA ASN A 458 18.62 15.06 -21.35
C ASN A 458 18.42 13.90 -20.36
N ILE A 459 17.28 13.18 -20.35
CA ILE A 459 17.04 12.14 -19.30
C ILE A 459 17.92 10.92 -19.62
N ILE A 460 18.15 10.61 -20.88
CA ILE A 460 19.08 9.53 -21.28
C ILE A 460 20.49 9.90 -20.80
N ASN A 461 20.84 11.19 -20.89
CA ASN A 461 22.18 11.71 -20.53
C ASN A 461 22.35 11.67 -19.01
N LEU A 462 21.28 11.88 -18.25
CA LEU A 462 21.42 11.88 -16.78
C LEU A 462 21.49 10.44 -16.28
N ILE A 463 20.82 9.51 -16.95
CA ILE A 463 20.88 8.08 -16.56
C ILE A 463 22.31 7.57 -16.78
N LYS A 464 22.85 7.78 -17.97
CA LYS A 464 24.23 7.43 -18.36
C LYS A 464 25.23 8.09 -17.40
N ASN A 465 25.16 9.40 -17.17
CA ASN A 465 26.34 10.09 -16.57
C ASN A 465 26.10 10.54 -15.14
N ASP A 466 24.86 10.63 -14.67
CA ASP A 466 24.57 11.08 -13.28
C ASP A 466 23.43 10.22 -12.74
N PRO A 467 23.58 8.88 -12.77
CA PRO A 467 22.48 7.96 -12.47
C PRO A 467 21.79 8.17 -11.12
N THR A 468 22.44 8.84 -10.16
CA THR A 468 21.97 8.98 -8.76
C THR A 468 21.21 10.30 -8.59
N SER A 469 21.14 11.11 -9.65
CA SER A 469 20.29 12.32 -9.75
C SER A 469 18.83 12.03 -9.35
N ARG A 470 18.25 12.95 -8.61
CA ARG A 470 16.83 12.87 -8.27
C ARG A 470 16.06 13.89 -9.14
N ARG A 471 16.51 14.09 -10.38
CA ARG A 471 16.07 15.15 -11.31
C ARG A 471 15.87 14.61 -12.73
N ILE A 472 15.85 13.29 -12.87
CA ILE A 472 15.63 12.61 -14.19
C ILE A 472 14.13 12.47 -14.33
N LEU A 473 13.48 13.52 -14.82
CA LEU A 473 12.02 13.55 -15.12
C LEU A 473 11.81 13.97 -16.57
N LEU A 474 10.79 13.39 -17.18
CA LEU A 474 10.29 13.74 -18.52
C LEU A 474 8.84 14.23 -18.28
N CYS A 475 8.52 15.51 -18.50
CA CYS A 475 7.20 16.13 -18.18
C CYS A 475 6.46 16.56 -19.47
N ALA A 476 5.26 16.03 -19.70
CA ALA A 476 4.36 16.33 -20.86
C ALA A 476 3.46 17.53 -20.55
N TRP A 477 3.26 17.81 -19.26
CA TRP A 477 2.36 18.87 -18.76
C TRP A 477 3.03 20.26 -18.88
N ASN A 478 3.09 20.79 -20.08
CA ASN A 478 3.55 22.17 -20.36
C ASN A 478 2.36 23.13 -20.19
N VAL A 479 2.30 23.80 -19.04
CA VAL A 479 1.16 24.64 -18.58
C VAL A 479 0.84 25.69 -19.65
N LYS A 480 1.86 26.19 -20.32
CA LYS A 480 1.68 27.28 -21.32
C LYS A 480 0.94 26.73 -22.52
N ASP A 481 1.19 25.47 -22.87
CA ASP A 481 0.74 24.89 -24.17
C ASP A 481 -0.58 24.12 -24.02
N LEU A 482 -1.05 23.84 -22.80
CA LEU A 482 -2.26 23.02 -22.54
C LEU A 482 -3.37 23.39 -23.53
N ASP A 483 -3.78 24.66 -23.54
CA ASP A 483 -4.96 25.12 -24.30
C ASP A 483 -4.73 24.92 -25.80
N GLN A 484 -3.49 24.79 -26.26
CA GLN A 484 -3.18 24.62 -27.70
C GLN A 484 -3.09 23.12 -28.07
N MET A 485 -3.16 22.22 -27.10
CA MET A 485 -3.13 20.76 -27.37
C MET A 485 -4.55 20.30 -27.72
N ALA A 486 -4.72 19.30 -28.57
CA ALA A 486 -6.04 18.64 -28.77
C ALA A 486 -6.62 18.30 -27.40
N LEU A 487 -5.86 17.63 -26.53
CA LEU A 487 -6.27 17.58 -25.10
C LEU A 487 -5.05 17.54 -24.22
N PRO A 488 -5.16 18.09 -23.01
CA PRO A 488 -4.06 18.08 -22.06
C PRO A 488 -3.66 16.64 -21.77
N PRO A 489 -2.34 16.39 -21.60
CA PRO A 489 -1.85 15.02 -21.43
C PRO A 489 -2.37 14.34 -20.15
N CYS A 490 -2.56 13.01 -20.22
CA CYS A 490 -3.00 12.20 -19.08
C CYS A 490 -1.78 11.67 -18.36
N HIS A 491 -0.74 11.29 -19.08
CA HIS A 491 0.57 10.87 -18.49
C HIS A 491 1.42 12.13 -18.28
N ILE A 492 1.31 12.69 -17.07
CA ILE A 492 1.90 14.00 -16.65
C ILE A 492 3.43 13.91 -16.78
N LEU A 493 4.05 12.85 -16.24
CA LEU A 493 5.52 12.83 -16.08
C LEU A 493 6.01 11.43 -15.73
N CYS A 494 7.25 11.12 -16.14
CA CYS A 494 8.07 9.94 -15.79
C CYS A 494 9.24 10.45 -14.98
N GLN A 495 9.49 9.86 -13.82
CA GLN A 495 10.78 9.97 -13.10
C GLN A 495 11.52 8.64 -13.24
N PHE A 496 12.84 8.70 -13.26
CA PHE A 496 13.74 7.53 -13.33
C PHE A 496 14.66 7.52 -12.11
N TYR A 497 15.06 6.30 -11.78
CA TYR A 497 15.81 5.88 -10.58
C TYR A 497 16.73 4.74 -11.03
N VAL A 498 18.00 4.82 -10.67
CA VAL A 498 19.02 3.81 -11.06
C VAL A 498 19.71 3.32 -9.80
N PHE A 499 19.72 2.02 -9.59
CA PHE A 499 20.58 1.42 -8.53
C PHE A 499 21.22 0.18 -9.15
N ASP A 500 22.54 -0.02 -8.97
CA ASP A 500 23.21 -1.30 -9.35
C ASP A 500 22.80 -1.73 -10.77
N GLY A 501 22.95 -0.85 -11.77
CA GLY A 501 22.82 -1.20 -13.20
C GLY A 501 21.39 -1.49 -13.64
N LYS A 502 20.40 -1.12 -12.81
CA LYS A 502 18.96 -1.31 -13.09
C LYS A 502 18.22 0.04 -13.12
N LEU A 503 17.22 0.14 -13.98
CA LEU A 503 16.41 1.35 -14.19
C LEU A 503 14.96 1.07 -13.74
N SER A 504 14.44 1.90 -12.84
CA SER A 504 13.02 1.88 -12.42
C SER A 504 12.36 3.19 -12.88
N CYS A 505 11.07 3.17 -13.17
CA CYS A 505 10.36 4.34 -13.72
C CYS A 505 9.04 4.54 -12.98
N ILE A 506 8.77 5.76 -12.51
CA ILE A 506 7.42 6.16 -12.03
C ILE A 506 6.76 6.91 -13.16
N MET A 507 5.53 6.56 -13.52
CA MET A 507 4.73 7.47 -14.36
C MET A 507 3.52 7.95 -13.54
N TYR A 508 3.30 9.26 -13.44
CA TYR A 508 2.12 9.86 -12.75
C TYR A 508 1.06 10.20 -13.79
N GLN A 509 -0.11 9.60 -13.63
CA GLN A 509 -1.29 9.76 -14.53
C GLN A 509 -2.39 10.52 -13.75
N ARG A 510 -2.67 11.75 -14.17
CA ARG A 510 -3.66 12.65 -13.52
C ARG A 510 -5.03 12.04 -13.67
N SER A 511 -5.28 11.30 -14.76
CA SER A 511 -6.66 10.88 -15.16
C SER A 511 -6.63 9.50 -15.79
N CYS A 512 -7.37 8.53 -15.21
CA CYS A 512 -7.13 7.06 -15.42
C CYS A 512 -8.47 6.34 -15.63
N ASP A 513 -8.71 5.95 -16.88
CA ASP A 513 -9.85 5.12 -17.31
C ASP A 513 -9.43 3.68 -17.04
N LEU A 514 -9.90 3.13 -15.92
CA LEU A 514 -9.49 1.79 -15.45
C LEU A 514 -9.91 0.72 -16.47
N GLY A 515 -11.12 0.82 -17.01
CA GLY A 515 -11.64 -0.17 -17.97
C GLY A 515 -10.91 -0.13 -19.30
N LEU A 516 -10.68 1.05 -19.89
CA LEU A 516 -10.20 1.13 -21.30
C LEU A 516 -8.73 1.50 -21.36
N GLY A 517 -8.37 2.59 -20.68
CA GLY A 517 -7.10 3.29 -20.88
C GLY A 517 -5.95 2.62 -20.16
N VAL A 518 -6.04 2.50 -18.84
CA VAL A 518 -4.94 2.04 -17.94
C VAL A 518 -4.24 0.80 -18.50
N PRO A 519 -4.93 -0.26 -18.93
CA PRO A 519 -4.27 -1.51 -19.33
C PRO A 519 -3.27 -1.27 -20.44
N PHE A 520 -3.58 -0.36 -21.35
CA PHE A 520 -2.68 0.07 -22.44
C PHE A 520 -1.55 0.95 -21.86
N ASN A 521 -1.89 1.85 -20.94
CA ASN A 521 -0.91 2.80 -20.35
C ASN A 521 0.21 2.00 -19.65
N ILE A 522 -0.14 1.03 -18.80
CA ILE A 522 0.78 0.04 -18.15
C ILE A 522 1.75 -0.49 -19.21
N ALA A 523 1.23 -0.79 -20.39
CA ALA A 523 2.00 -1.40 -21.50
C ALA A 523 2.92 -0.36 -22.11
N SER A 524 2.39 0.80 -22.48
CA SER A 524 3.17 1.89 -23.12
C SER A 524 4.40 2.15 -22.24
N TYR A 525 4.19 2.37 -20.95
CA TYR A 525 5.28 2.86 -20.08
C TYR A 525 6.23 1.70 -19.74
N SER A 526 5.70 0.49 -19.65
CA SER A 526 6.57 -0.71 -19.45
C SER A 526 7.50 -0.86 -20.65
N ILE A 527 6.98 -0.75 -21.86
CA ILE A 527 7.81 -0.82 -23.11
C ILE A 527 8.83 0.32 -23.08
N PHE A 528 8.39 1.52 -22.70
CA PHE A 528 9.23 2.73 -22.75
C PHE A 528 10.38 2.48 -21.79
N THR A 529 10.09 1.97 -20.59
CA THR A 529 11.15 1.73 -19.56
C THR A 529 12.21 0.75 -20.10
N HIS A 530 11.77 -0.35 -20.73
CA HIS A 530 12.65 -1.35 -21.40
C HIS A 530 13.51 -0.60 -22.41
N MET A 531 12.91 0.26 -23.22
CA MET A 531 13.66 0.98 -24.28
C MET A 531 14.72 1.87 -23.63
N ILE A 532 14.38 2.56 -22.54
CA ILE A 532 15.30 3.57 -21.94
C ILE A 532 16.40 2.75 -21.27
N ALA A 533 16.02 1.62 -20.69
CA ALA A 533 17.01 0.75 -20.01
C ALA A 533 18.02 0.28 -21.05
N GLN A 534 17.54 -0.28 -22.16
CA GLN A 534 18.43 -0.81 -23.22
C GLN A 534 19.41 0.26 -23.70
N VAL A 535 18.94 1.46 -24.07
CA VAL A 535 19.79 2.48 -24.74
C VAL A 535 20.76 3.06 -23.72
N CYS A 536 20.53 2.80 -22.44
CA CYS A 536 21.41 3.32 -21.36
C CYS A 536 22.36 2.21 -20.86
N ASN A 537 22.33 1.02 -21.48
CA ASN A 537 23.06 -0.21 -21.01
C ASN A 537 22.70 -0.48 -19.54
N LEU A 538 21.42 -0.52 -19.23
CA LEU A 538 20.88 -0.90 -17.91
C LEU A 538 19.91 -2.10 -18.08
N GLN A 539 19.60 -2.84 -17.01
CA GLN A 539 18.46 -3.79 -17.02
C GLN A 539 17.23 -3.07 -16.48
N PRO A 540 16.02 -3.41 -16.94
CA PRO A 540 14.83 -2.86 -16.33
C PRO A 540 14.52 -3.54 -15.00
N ALA A 541 14.05 -2.75 -14.02
CA ALA A 541 13.53 -3.23 -12.73
C ALA A 541 12.04 -2.89 -12.66
N GLN A 542 11.69 -1.85 -11.90
CA GLN A 542 10.28 -1.64 -11.56
C GLN A 542 9.71 -0.57 -12.48
N PHE A 543 8.53 -0.81 -13.06
CA PHE A 543 7.68 0.23 -13.65
C PHE A 543 6.58 0.51 -12.62
N ILE A 544 6.52 1.74 -12.17
CA ILE A 544 5.68 2.17 -11.02
C ILE A 544 4.68 3.19 -11.53
N HIS A 545 3.38 2.89 -11.37
CA HIS A 545 2.23 3.62 -11.96
C HIS A 545 1.47 4.30 -10.83
N VAL A 546 1.52 5.63 -10.76
CA VAL A 546 0.73 6.41 -9.76
C VAL A 546 -0.54 6.92 -10.46
N LEU A 547 -1.70 6.53 -9.92
CA LEU A 547 -3.03 6.92 -10.43
C LEU A 547 -3.52 8.09 -9.59
N GLY A 548 -3.76 9.24 -10.19
CA GLY A 548 -4.44 10.32 -9.47
C GLY A 548 -5.92 10.05 -9.46
N ASN A 549 -6.61 10.54 -10.50
CA ASN A 549 -8.09 10.48 -10.56
C ASN A 549 -8.44 9.14 -11.24
N ALA A 550 -8.70 8.10 -10.43
CA ALA A 550 -8.92 6.70 -10.88
C ALA A 550 -10.42 6.48 -11.04
N HIS A 551 -10.91 6.24 -12.26
CA HIS A 551 -12.37 6.17 -12.51
C HIS A 551 -12.76 4.96 -13.36
N VAL A 552 -13.89 4.36 -13.01
CA VAL A 552 -14.57 3.36 -13.88
C VAL A 552 -15.82 4.02 -14.45
N TYR A 553 -15.92 4.15 -15.77
CA TYR A 553 -17.16 4.60 -16.45
C TYR A 553 -18.31 3.63 -16.14
N ASN A 554 -19.49 4.17 -15.88
CA ASN A 554 -20.68 3.37 -15.48
C ASN A 554 -20.89 2.23 -16.45
N ASN A 555 -20.73 2.48 -17.75
CA ASN A 555 -21.15 1.53 -18.81
C ASN A 555 -20.01 0.53 -19.09
N HIS A 556 -18.91 0.59 -18.33
CA HIS A 556 -17.84 -0.43 -18.32
C HIS A 556 -18.12 -1.48 -17.25
N ILE A 557 -18.91 -1.13 -16.25
CA ILE A 557 -19.05 -1.93 -14.98
C ILE A 557 -19.30 -3.41 -15.32
N ASP A 558 -20.31 -3.71 -16.15
CA ASP A 558 -20.75 -5.11 -16.44
C ASP A 558 -19.59 -5.92 -17.04
N SER A 559 -18.89 -5.34 -18.00
CA SER A 559 -17.70 -5.94 -18.63
C SER A 559 -16.66 -6.17 -17.54
N LEU A 560 -16.49 -5.21 -16.66
CA LEU A 560 -15.45 -5.32 -15.61
C LEU A 560 -15.81 -6.45 -14.62
N LYS A 561 -17.08 -6.68 -14.31
CA LYS A 561 -17.45 -7.78 -13.35
C LYS A 561 -17.13 -9.14 -13.99
N ILE A 562 -17.29 -9.24 -15.31
CA ILE A 562 -16.84 -10.44 -16.08
C ILE A 562 -15.35 -10.63 -15.87
N GLN A 563 -14.58 -9.59 -16.22
CA GLN A 563 -13.09 -9.64 -16.24
C GLN A 563 -12.59 -10.02 -14.85
N LEU A 564 -13.18 -9.47 -13.78
CA LEU A 564 -12.71 -9.70 -12.40
C LEU A 564 -12.90 -11.16 -12.00
N ASN A 565 -13.86 -11.86 -12.59
CA ASN A 565 -14.13 -13.27 -12.25
C ASN A 565 -13.21 -14.18 -13.08
N ARG A 566 -12.29 -13.59 -13.84
CA ARG A 566 -11.28 -14.41 -14.54
C ARG A 566 -10.00 -14.39 -13.69
N ILE A 567 -9.26 -15.49 -13.82
CA ILE A 567 -8.00 -15.80 -13.06
C ILE A 567 -6.87 -15.59 -14.05
N PRO A 568 -5.93 -14.69 -13.70
CA PRO A 568 -4.87 -14.33 -14.62
C PRO A 568 -4.04 -15.56 -14.95
N TYR A 569 -3.47 -15.56 -16.16
CA TYR A 569 -2.46 -16.46 -16.74
C TYR A 569 -1.08 -15.89 -16.43
N PRO A 570 -0.02 -16.70 -16.46
CA PRO A 570 1.31 -16.14 -16.27
C PRO A 570 1.48 -15.10 -17.38
N PHE A 571 1.97 -13.92 -17.01
CA PHE A 571 2.34 -12.81 -17.91
C PHE A 571 3.21 -13.34 -19.05
N PRO A 572 3.20 -12.64 -20.20
CA PRO A 572 4.17 -12.89 -21.25
C PRO A 572 5.48 -12.15 -20.95
N THR A 573 6.40 -12.16 -21.91
CA THR A 573 7.72 -11.46 -21.86
C THR A 573 7.82 -10.50 -23.04
N LEU A 574 8.62 -9.44 -22.91
CA LEU A 574 8.90 -8.51 -24.03
C LEU A 574 10.35 -8.65 -24.43
N LYS A 575 10.60 -8.84 -25.72
CA LYS A 575 11.96 -8.86 -26.33
C LYS A 575 12.08 -7.68 -27.29
N LEU A 576 13.05 -6.81 -26.99
CA LEU A 576 13.53 -5.71 -27.87
C LEU A 576 14.69 -6.26 -28.68
N ASN A 577 14.72 -5.99 -29.98
CA ASN A 577 15.93 -6.20 -30.82
C ASN A 577 17.14 -5.64 -30.06
N PRO A 578 18.11 -6.50 -29.65
CA PRO A 578 19.28 -6.06 -28.86
C PRO A 578 20.24 -5.03 -29.45
N ASP A 579 20.24 -4.82 -30.77
CA ASP A 579 21.21 -3.97 -31.52
C ASP A 579 20.86 -2.48 -31.41
N ILE A 580 19.58 -2.13 -31.26
CA ILE A 580 19.14 -0.70 -31.17
C ILE A 580 19.84 -0.08 -29.96
N LYS A 581 20.64 0.99 -30.14
CA LYS A 581 21.48 1.58 -29.06
C LYS A 581 21.15 3.06 -28.82
N ASN A 582 20.51 3.76 -29.74
CA ASN A 582 19.92 5.11 -29.55
C ASN A 582 18.40 4.99 -29.44
N ILE A 583 17.77 5.81 -28.57
CA ILE A 583 16.28 5.82 -28.36
C ILE A 583 15.55 6.12 -29.68
N GLU A 584 16.21 6.79 -30.62
CA GLU A 584 15.57 7.28 -31.88
C GLU A 584 15.47 6.11 -32.88
N ASP A 585 16.18 5.01 -32.65
CA ASP A 585 16.52 4.03 -33.72
C ASP A 585 15.61 2.81 -33.69
N PHE A 586 14.55 2.78 -32.87
CA PHE A 586 13.61 1.63 -32.75
C PHE A 586 12.57 1.74 -33.87
N THR A 587 12.11 0.59 -34.37
CA THR A 587 10.95 0.46 -35.28
C THR A 587 10.06 -0.68 -34.79
N ILE A 588 8.86 -0.81 -35.38
CA ILE A 588 7.77 -1.74 -34.94
C ILE A 588 8.30 -3.18 -34.84
N SER A 589 9.14 -3.61 -35.79
CA SER A 589 9.75 -4.97 -35.87
C SER A 589 10.82 -5.21 -34.80
N ASP A 590 11.14 -4.23 -33.95
CA ASP A 590 12.16 -4.41 -32.88
C ASP A 590 11.48 -4.90 -31.58
N PHE A 591 10.19 -5.23 -31.63
CA PHE A 591 9.31 -5.49 -30.46
C PHE A 591 8.58 -6.82 -30.61
N THR A 592 8.84 -7.75 -29.71
CA THR A 592 8.21 -9.08 -29.75
C THR A 592 7.61 -9.37 -28.37
N ILE A 593 6.32 -9.65 -28.35
CA ILE A 593 5.60 -10.18 -27.16
C ILE A 593 5.50 -11.69 -27.34
N GLN A 594 6.32 -12.45 -26.61
CA GLN A 594 6.29 -13.93 -26.53
C GLN A 594 5.34 -14.38 -25.43
N ASN A 595 4.54 -15.40 -25.75
CA ASN A 595 3.88 -16.29 -24.75
C ASN A 595 2.72 -15.51 -24.14
N TYR A 596 2.04 -14.69 -24.94
CA TYR A 596 0.84 -13.99 -24.48
C TYR A 596 -0.30 -15.01 -24.43
N VAL A 597 -0.58 -15.47 -23.23
CA VAL A 597 -1.74 -16.35 -22.91
C VAL A 597 -2.78 -15.43 -22.24
N HIS A 598 -4.01 -15.40 -22.76
CA HIS A 598 -5.06 -14.41 -22.36
C HIS A 598 -6.47 -14.97 -22.47
N HIS A 599 -7.39 -14.48 -21.66
CA HIS A 599 -8.84 -14.75 -21.83
C HIS A 599 -9.27 -14.04 -23.14
N GLU A 600 -10.49 -14.31 -23.65
CA GLU A 600 -10.96 -13.72 -24.94
C GLU A 600 -11.15 -12.21 -24.77
N LYS A 601 -11.32 -11.50 -25.88
CA LYS A 601 -11.43 -10.03 -25.85
C LYS A 601 -12.77 -9.69 -25.20
N ILE A 602 -12.80 -8.58 -24.46
CA ILE A 602 -14.02 -7.98 -23.85
C ILE A 602 -14.21 -6.61 -24.46
N SER A 603 -15.35 -6.39 -25.09
CA SER A 603 -15.83 -5.04 -25.46
C SER A 603 -16.31 -4.36 -24.17
N MET A 604 -15.58 -3.32 -23.74
CA MET A 604 -15.78 -2.73 -22.40
C MET A 604 -17.15 -2.05 -22.38
N ASP A 605 -17.51 -1.40 -23.51
CA ASP A 605 -18.76 -0.63 -23.68
C ASP A 605 -19.95 -1.56 -23.47
N GLN B 4 0.40 -14.11 37.98
CA GLN B 4 -0.24 -13.18 38.98
C GLN B 4 -1.77 -13.27 38.83
N VAL B 5 -2.50 -12.66 39.76
CA VAL B 5 -4.00 -12.60 39.77
C VAL B 5 -4.45 -12.10 38.38
N CYS B 6 -3.88 -10.98 37.94
CA CYS B 6 -4.33 -10.12 36.79
C CYS B 6 -4.19 -10.86 35.46
N ASP B 7 -3.03 -11.44 35.17
CA ASP B 7 -2.72 -12.16 33.89
C ASP B 7 -3.62 -13.40 33.78
N VAL B 8 -3.99 -14.00 34.93
CA VAL B 8 -4.90 -15.18 35.01
C VAL B 8 -6.35 -14.72 34.71
N PHE B 9 -6.86 -13.78 35.50
CA PHE B 9 -8.31 -13.48 35.61
C PHE B 9 -8.78 -12.46 34.56
N ASP B 10 -7.87 -11.97 33.70
CA ASP B 10 -8.15 -10.91 32.69
C ASP B 10 -8.88 -9.74 33.37
N ILE B 11 -8.17 -9.04 34.27
CA ILE B 11 -8.64 -7.78 34.92
C ILE B 11 -8.03 -6.61 34.15
N TYR B 12 -8.90 -5.82 33.51
CA TYR B 12 -8.58 -4.70 32.59
C TYR B 12 -9.21 -3.41 33.12
N ALA B 13 -8.58 -2.28 32.82
CA ALA B 13 -9.09 -0.92 33.12
C ALA B 13 -9.30 -0.17 31.80
N ILE B 14 -10.54 0.26 31.54
CA ILE B 14 -10.87 1.25 30.46
C ILE B 14 -11.02 2.61 31.14
N CYS B 15 -10.29 3.61 30.67
CA CYS B 15 -10.36 5.02 31.10
C CYS B 15 -10.24 5.94 29.89
N ALA B 16 -10.47 7.24 30.12
CA ALA B 16 -10.31 8.33 29.13
C ALA B 16 -9.75 9.53 29.88
N CYS B 17 -8.59 10.04 29.46
CA CYS B 17 -7.88 11.14 30.15
C CYS B 17 -7.61 12.31 29.20
N CYS B 18 -8.14 13.48 29.55
CA CYS B 18 -7.79 14.78 28.91
C CYS B 18 -6.53 15.38 29.55
N LYS B 19 -6.08 16.53 29.03
CA LYS B 19 -4.93 17.33 29.55
C LYS B 19 -5.49 18.31 30.56
N VAL B 20 -4.67 18.83 31.50
CA VAL B 20 -5.14 19.68 32.63
C VAL B 20 -4.72 21.13 32.42
N GLU B 21 -5.33 22.07 33.16
CA GLU B 21 -5.19 23.54 33.00
C GLU B 21 -4.06 24.07 33.91
N SER B 22 -2.90 23.40 33.93
CA SER B 22 -1.75 23.74 34.81
C SER B 22 -0.98 24.93 34.24
N ASN B 29 6.91 27.47 26.88
CA ASN B 29 7.77 26.38 26.38
C ASN B 29 7.73 25.22 27.38
N GLU B 30 6.69 24.39 27.28
CA GLU B 30 6.38 23.27 28.21
C GLU B 30 6.67 21.93 27.52
N VAL B 31 6.78 20.87 28.32
CA VAL B 31 7.35 19.53 27.96
C VAL B 31 6.29 18.44 28.21
N PHE B 32 6.18 17.46 27.30
CA PHE B 32 5.08 16.45 27.29
C PHE B 32 5.66 15.04 27.50
N ASN B 33 4.83 14.20 28.12
CA ASN B 33 5.11 12.78 28.44
C ASN B 33 3.76 12.07 28.44
N ASN B 34 3.67 10.80 28.83
CA ASN B 34 2.38 10.07 28.85
C ASN B 34 1.44 10.71 29.90
N TYR B 35 2.00 11.12 31.05
CA TYR B 35 1.29 11.76 32.20
C TYR B 35 0.74 13.16 31.83
N THR B 36 0.98 13.65 30.62
CA THR B 36 0.21 14.77 30.04
C THR B 36 -1.30 14.44 30.13
N PHE B 37 -1.73 13.28 29.62
CA PHE B 37 -3.14 12.82 29.63
C PHE B 37 -3.44 12.17 30.99
N ARG B 38 -4.09 12.92 31.90
CA ARG B 38 -4.48 12.40 33.24
C ARG B 38 -5.92 12.78 33.62
N GLY B 39 -6.39 13.98 33.27
CA GLY B 39 -7.73 14.47 33.66
C GLY B 39 -8.81 13.43 33.46
N LEU B 40 -9.52 13.06 34.53
CA LEU B 40 -10.57 12.00 34.55
C LEU B 40 -11.96 12.60 34.77
N GLY B 41 -12.08 13.52 35.74
CA GLY B 41 -13.38 14.05 36.18
C GLY B 41 -13.29 15.41 36.82
N ASN B 42 -14.46 16.04 37.01
CA ASN B 42 -14.61 17.41 37.57
C ASN B 42 -16.03 17.61 38.09
N LYS B 43 -16.17 18.03 39.37
CA LYS B 43 -17.46 18.28 40.06
C LYS B 43 -18.34 17.02 39.98
N GLY B 44 -17.78 15.84 40.30
CA GLY B 44 -18.47 14.53 40.33
C GLY B 44 -18.99 14.07 38.98
N VAL B 45 -18.67 14.79 37.90
CA VAL B 45 -18.98 14.41 36.48
C VAL B 45 -17.66 14.34 35.70
N LEU B 46 -17.75 14.03 34.39
CA LEU B 46 -16.59 14.06 33.46
C LEU B 46 -16.21 15.52 33.21
N PRO B 47 -14.96 15.83 32.80
CA PRO B 47 -14.52 17.20 32.58
C PRO B 47 -15.03 17.88 31.31
N TRP B 48 -15.48 17.08 30.33
CA TRP B 48 -15.95 17.52 28.99
C TRP B 48 -17.43 17.19 28.82
N LYS B 49 -18.16 18.00 28.05
CA LYS B 49 -19.61 17.83 27.80
C LYS B 49 -19.87 16.37 27.36
N CYS B 50 -19.76 16.07 26.07
CA CYS B 50 -19.99 14.72 25.44
C CYS B 50 -18.91 14.50 24.37
N ILE B 51 -18.13 13.42 24.47
CA ILE B 51 -17.26 12.92 23.37
C ILE B 51 -17.76 11.54 22.96
N SER B 52 -18.57 11.49 21.91
CA SER B 52 -19.48 10.38 21.53
C SER B 52 -18.74 9.25 20.81
N LEU B 53 -17.56 9.53 20.25
CA LEU B 53 -16.74 8.48 19.61
C LEU B 53 -16.12 7.62 20.71
N ASP B 54 -15.86 8.23 21.89
CA ASP B 54 -15.37 7.51 23.09
C ASP B 54 -16.51 6.72 23.71
N MET B 55 -17.68 7.33 23.91
CA MET B 55 -18.91 6.65 24.41
C MET B 55 -19.10 5.37 23.61
N LYS B 56 -18.94 5.45 22.29
CA LYS B 56 -19.15 4.34 21.32
C LYS B 56 -18.08 3.28 21.52
N TYR B 57 -16.81 3.70 21.59
CA TYR B 57 -15.64 2.82 21.81
C TYR B 57 -15.92 2.02 23.08
N PHE B 58 -16.19 2.75 24.17
CA PHE B 58 -16.43 2.19 25.53
C PHE B 58 -17.58 1.17 25.51
N ARG B 59 -18.61 1.37 24.66
CA ARG B 59 -19.69 0.38 24.46
C ARG B 59 -19.06 -0.86 23.83
N ALA B 60 -18.58 -0.76 22.59
CA ALA B 60 -18.12 -1.92 21.80
C ALA B 60 -17.15 -2.77 22.62
N VAL B 61 -16.26 -2.13 23.39
CA VAL B 61 -15.18 -2.84 24.15
C VAL B 61 -15.79 -3.58 25.34
N THR B 62 -16.71 -2.94 26.08
CA THR B 62 -17.24 -3.48 27.36
C THR B 62 -18.34 -4.51 27.10
N THR B 63 -19.12 -4.43 26.00
CA THR B 63 -20.06 -5.51 25.63
C THR B 63 -19.25 -6.72 25.12
N TYR B 64 -18.73 -6.64 23.89
CA TYR B 64 -18.13 -7.73 23.05
C TYR B 64 -17.50 -8.85 23.89
N VAL B 65 -17.80 -10.10 23.48
CA VAL B 65 -17.26 -11.40 24.00
C VAL B 65 -17.10 -12.38 22.83
N ASN B 66 -16.13 -13.29 22.94
CA ASN B 66 -15.87 -14.40 21.99
C ASN B 66 -16.14 -15.73 22.71
N GLU B 67 -17.18 -16.45 22.28
CA GLU B 67 -17.53 -17.83 22.76
C GLU B 67 -16.30 -18.75 22.69
N SER B 68 -15.73 -18.93 21.49
CA SER B 68 -14.62 -19.87 21.17
C SER B 68 -13.49 -19.75 22.20
N LYS B 69 -13.04 -18.52 22.51
CA LYS B 69 -11.77 -18.22 23.23
C LYS B 69 -11.97 -18.24 24.77
N TYR B 70 -13.21 -18.23 25.26
CA TYR B 70 -13.56 -18.34 26.70
C TYR B 70 -13.07 -19.67 27.27
N GLU B 71 -13.10 -20.72 26.44
CA GLU B 71 -12.58 -22.07 26.79
C GLU B 71 -11.22 -21.90 27.47
N LYS B 72 -10.24 -21.29 26.81
CA LYS B 72 -8.85 -21.17 27.35
C LYS B 72 -8.84 -20.40 28.68
N LEU B 73 -9.99 -19.85 29.10
CA LEU B 73 -10.17 -19.11 30.39
C LEU B 73 -11.01 -19.93 31.39
N LYS B 74 -12.09 -20.58 30.94
CA LYS B 74 -12.92 -21.49 31.79
C LYS B 74 -11.99 -22.44 32.53
N TYR B 75 -11.07 -23.06 31.77
CA TYR B 75 -10.01 -23.96 32.27
C TYR B 75 -8.68 -23.18 32.24
N LYS B 76 -8.45 -22.41 33.30
CA LYS B 76 -7.23 -21.60 33.59
C LYS B 76 -7.46 -20.79 34.87
N ARG B 77 -8.66 -20.20 35.02
CA ARG B 77 -9.16 -19.58 36.26
C ARG B 77 -9.74 -20.67 37.16
N CYS B 78 -10.24 -21.76 36.55
CA CYS B 78 -10.67 -23.01 37.23
C CYS B 78 -9.67 -24.14 36.90
N LYS B 79 -8.45 -23.77 36.48
CA LYS B 79 -7.23 -24.60 36.63
C LYS B 79 -6.36 -23.95 37.72
N TYR B 80 -6.92 -22.94 38.40
CA TYR B 80 -6.23 -22.06 39.38
C TYR B 80 -6.58 -22.51 40.80
N LEU B 81 -7.87 -22.79 41.08
CA LEU B 81 -8.35 -23.26 42.42
C LEU B 81 -8.46 -24.79 42.42
N LYS B 97 -26.61 -15.66 27.53
CA LYS B 97 -25.47 -15.24 26.68
C LYS B 97 -24.35 -14.70 27.57
N LEU B 98 -23.22 -15.42 27.64
CA LEU B 98 -21.98 -15.05 28.38
C LEU B 98 -21.77 -13.53 28.33
N GLN B 99 -22.01 -12.84 29.45
CA GLN B 99 -21.88 -11.37 29.63
C GLN B 99 -20.43 -11.03 30.00
N ASN B 100 -20.13 -9.74 30.15
CA ASN B 100 -18.83 -9.20 30.63
C ASN B 100 -19.05 -8.54 32.00
N VAL B 101 -18.02 -8.60 32.85
CA VAL B 101 -18.00 -7.92 34.18
C VAL B 101 -17.52 -6.48 33.96
N VAL B 102 -18.19 -5.53 34.62
CA VAL B 102 -17.71 -4.13 34.80
C VAL B 102 -17.81 -3.77 36.29
N VAL B 103 -16.73 -3.24 36.86
CA VAL B 103 -16.60 -2.76 38.27
C VAL B 103 -16.61 -1.23 38.24
N MET B 104 -17.32 -0.57 39.16
CA MET B 104 -17.24 0.90 39.31
C MET B 104 -17.50 1.27 40.77
N GLY B 105 -16.76 2.25 41.30
CA GLY B 105 -17.00 2.86 42.61
C GLY B 105 -18.36 3.55 42.63
N ARG B 106 -19.08 3.48 43.75
CA ARG B 106 -20.48 4.00 43.85
C ARG B 106 -20.54 5.40 43.21
N THR B 107 -19.57 6.27 43.48
CA THR B 107 -19.57 7.67 42.97
C THR B 107 -19.42 7.61 41.43
N ASN B 108 -18.67 6.64 40.89
CA ASN B 108 -18.64 6.35 39.43
C ASN B 108 -19.99 5.73 39.02
N TRP B 109 -20.66 5.03 39.93
CA TRP B 109 -22.01 4.46 39.64
C TRP B 109 -23.05 5.59 39.61
N GLU B 110 -23.12 6.41 40.67
CA GLU B 110 -24.14 7.49 40.83
C GLU B 110 -23.77 8.69 39.95
N SER B 111 -22.51 8.80 39.49
CA SER B 111 -22.02 9.86 38.56
C SER B 111 -22.78 9.78 37.23
N ILE B 112 -23.40 8.62 36.95
CA ILE B 112 -24.10 8.28 35.68
C ILE B 112 -25.60 8.31 35.96
N PRO B 113 -26.46 8.60 34.94
CA PRO B 113 -27.90 8.65 35.13
C PRO B 113 -28.57 7.27 34.94
N LYS B 114 -29.89 7.24 34.82
CA LYS B 114 -30.76 6.13 35.29
C LYS B 114 -31.18 5.24 34.11
N LYS B 115 -31.62 5.83 33.00
CA LYS B 115 -32.02 5.12 31.75
C LYS B 115 -30.91 4.14 31.31
N PHE B 116 -29.65 4.42 31.64
CA PHE B 116 -28.46 3.61 31.25
C PHE B 116 -28.20 2.47 32.24
N LYS B 117 -28.60 2.65 33.52
CA LYS B 117 -28.40 1.67 34.63
C LYS B 117 -29.25 0.42 34.41
N PRO B 118 -28.85 -0.75 34.94
CA PRO B 118 -27.43 -1.12 35.05
C PRO B 118 -26.90 -1.46 33.65
N LEU B 119 -25.78 -0.85 33.25
CA LEU B 119 -25.21 -0.91 31.87
C LEU B 119 -25.60 -2.25 31.25
N SER B 120 -26.50 -2.23 30.25
CA SER B 120 -27.06 -3.44 29.57
C SER B 120 -25.95 -4.39 29.12
N ASN B 121 -26.21 -5.71 29.17
CA ASN B 121 -25.34 -6.80 28.65
C ASN B 121 -24.06 -6.94 29.47
N ARG B 122 -24.06 -6.44 30.72
CA ARG B 122 -22.84 -6.44 31.58
C ARG B 122 -23.21 -6.72 33.04
N ILE B 123 -22.46 -7.64 33.64
CA ILE B 123 -22.50 -7.97 35.09
C ILE B 123 -22.05 -6.73 35.88
N ASN B 124 -23.01 -5.93 36.35
CA ASN B 124 -22.77 -4.62 36.99
C ASN B 124 -22.36 -4.79 38.45
N VAL B 125 -21.06 -4.89 38.71
CA VAL B 125 -20.48 -4.87 40.10
C VAL B 125 -20.41 -3.41 40.56
N ILE B 126 -20.22 -3.17 41.86
CA ILE B 126 -19.92 -1.84 42.45
C ILE B 126 -18.95 -2.05 43.62
N LEU B 127 -18.04 -1.09 43.87
CA LEU B 127 -17.05 -1.17 44.96
C LEU B 127 -17.38 -0.13 46.04
N SER B 128 -18.32 -0.48 46.93
CA SER B 128 -18.87 0.37 48.03
C SER B 128 -18.79 -0.39 49.35
N ARG B 129 -18.20 0.20 50.40
CA ARG B 129 -18.08 -0.38 51.76
C ARG B 129 -19.26 0.06 52.65
N THR B 130 -20.31 0.62 52.05
CA THR B 130 -21.45 1.27 52.77
C THR B 130 -22.75 0.57 52.42
N LEU B 131 -23.46 1.05 51.38
CA LEU B 131 -24.86 0.66 51.07
C LEU B 131 -24.84 -0.70 50.36
N LYS B 132 -25.72 -1.63 50.77
CA LYS B 132 -25.75 -3.08 50.35
C LYS B 132 -26.78 -3.27 49.21
N LYS B 133 -27.09 -4.53 48.86
CA LYS B 133 -27.91 -4.89 47.68
C LYS B 133 -29.38 -4.46 47.88
N GLU B 134 -29.91 -4.53 49.12
CA GLU B 134 -31.29 -4.11 49.50
C GLU B 134 -31.43 -2.58 49.38
N ASP B 135 -30.33 -1.84 49.61
CA ASP B 135 -30.23 -0.37 49.41
C ASP B 135 -30.40 -0.03 47.93
N PHE B 136 -29.56 -0.63 47.08
CA PHE B 136 -29.33 -0.20 45.66
C PHE B 136 -30.29 -0.94 44.72
N ASP B 137 -30.13 -0.67 43.41
CA ASP B 137 -31.15 -0.83 42.32
C ASP B 137 -31.32 -2.32 41.96
N GLU B 138 -30.93 -2.71 40.74
CA GLU B 138 -31.47 -3.90 40.00
C GLU B 138 -30.85 -5.20 40.56
N ASP B 139 -30.88 -6.29 39.76
CA ASP B 139 -30.50 -7.66 40.16
C ASP B 139 -29.05 -7.91 39.69
N VAL B 140 -28.13 -7.09 40.23
CA VAL B 140 -26.72 -6.85 39.78
C VAL B 140 -25.78 -7.54 40.78
N TYR B 141 -24.76 -6.84 41.34
CA TYR B 141 -23.85 -7.32 42.42
C TYR B 141 -23.33 -6.15 43.26
N ILE B 142 -22.49 -6.46 44.25
CA ILE B 142 -21.72 -5.48 45.09
C ILE B 142 -20.57 -6.21 45.77
N ILE B 143 -19.56 -5.44 46.20
CA ILE B 143 -18.47 -5.87 47.14
C ILE B 143 -18.14 -4.67 48.03
N ASN B 144 -17.32 -4.86 49.07
CA ASN B 144 -17.13 -3.91 50.21
C ASN B 144 -15.65 -3.61 50.47
N LYS B 145 -14.73 -4.51 50.08
CA LYS B 145 -13.27 -4.30 50.17
C LYS B 145 -12.63 -4.81 48.86
N VAL B 146 -11.48 -4.25 48.48
CA VAL B 146 -10.74 -4.58 47.21
C VAL B 146 -10.72 -6.10 47.05
N GLU B 147 -10.15 -6.81 48.04
CA GLU B 147 -9.98 -8.30 48.03
C GLU B 147 -11.32 -8.97 47.69
N ASP B 148 -12.45 -8.48 48.24
CA ASP B 148 -13.79 -9.12 48.17
C ASP B 148 -14.17 -9.43 46.72
N LEU B 149 -13.53 -8.78 45.73
CA LEU B 149 -13.68 -9.12 44.28
C LEU B 149 -12.82 -10.34 43.93
N ILE B 150 -11.56 -10.39 44.40
CA ILE B 150 -10.53 -11.43 44.07
C ILE B 150 -11.22 -12.76 43.72
N VAL B 151 -12.16 -13.21 44.58
CA VAL B 151 -12.81 -14.55 44.55
C VAL B 151 -14.16 -14.50 43.80
N LEU B 152 -14.84 -13.34 43.76
CA LEU B 152 -16.17 -13.19 43.08
C LEU B 152 -16.03 -13.65 41.62
N LEU B 153 -14.95 -13.24 40.95
CA LEU B 153 -14.66 -13.66 39.55
C LEU B 153 -14.44 -15.18 39.50
N GLY B 154 -13.68 -15.72 40.47
CA GLY B 154 -13.42 -17.16 40.63
C GLY B 154 -14.69 -17.98 40.69
N LYS B 155 -15.83 -17.34 41.02
CA LYS B 155 -17.18 -17.95 41.14
C LYS B 155 -17.89 -17.92 39.77
N LEU B 156 -18.32 -16.74 39.31
CA LEU B 156 -19.26 -16.61 38.15
C LEU B 156 -18.52 -16.88 36.84
N ASN B 157 -19.29 -16.97 35.73
CA ASN B 157 -18.79 -17.16 34.34
C ASN B 157 -18.86 -15.81 33.61
N TYR B 158 -17.71 -15.35 33.10
CA TYR B 158 -17.50 -13.97 32.58
C TYR B 158 -16.41 -14.05 31.50
N TYR B 159 -16.47 -13.17 30.49
CA TYR B 159 -15.42 -13.09 29.44
C TYR B 159 -14.19 -12.35 29.99
N LYS B 160 -14.31 -11.04 30.26
CA LYS B 160 -13.21 -10.20 30.83
C LYS B 160 -13.82 -9.19 31.82
N CYS B 161 -13.01 -8.75 32.79
CA CYS B 161 -13.40 -7.81 33.88
C CYS B 161 -12.81 -6.43 33.60
N PHE B 162 -13.68 -5.41 33.47
CA PHE B 162 -13.33 -4.01 33.12
C PHE B 162 -13.52 -3.12 34.33
N ILE B 163 -12.46 -2.44 34.77
CA ILE B 163 -12.53 -1.40 35.84
C ILE B 163 -12.81 -0.04 35.18
N LEU B 164 -14.00 0.52 35.35
CA LEU B 164 -14.45 1.77 34.67
C LEU B 164 -14.16 3.00 35.54
N GLY B 165 -13.27 2.90 36.52
CA GLY B 165 -12.91 4.01 37.44
C GLY B 165 -13.89 4.10 38.60
N GLY B 166 -13.87 5.21 39.37
CA GLY B 166 -13.12 6.43 39.07
C GLY B 166 -11.69 6.41 39.61
N SER B 167 -11.10 7.60 39.85
CA SER B 167 -9.67 7.77 40.22
C SER B 167 -9.35 6.83 41.37
N VAL B 168 -10.10 6.98 42.46
CA VAL B 168 -9.95 6.19 43.73
C VAL B 168 -9.86 4.69 43.38
N VAL B 169 -10.77 4.16 42.55
CA VAL B 169 -10.79 2.71 42.14
C VAL B 169 -9.53 2.36 41.32
N TYR B 170 -9.26 3.09 40.24
CA TYR B 170 -8.04 2.93 39.40
C TYR B 170 -6.79 2.90 40.30
N GLN B 171 -6.64 3.95 41.12
CA GLN B 171 -5.50 4.19 42.04
C GLN B 171 -5.14 2.89 42.78
N GLU B 172 -6.10 2.32 43.51
CA GLU B 172 -5.89 1.17 44.44
C GLU B 172 -5.74 -0.12 43.63
N PHE B 173 -6.21 -0.16 42.38
CA PHE B 173 -6.06 -1.32 41.46
C PHE B 173 -4.68 -1.35 40.79
N LEU B 174 -4.07 -0.18 40.54
CA LEU B 174 -2.71 -0.09 39.93
C LEU B 174 -1.62 -0.31 40.99
N GLU B 175 -1.84 0.16 42.23
CA GLU B 175 -0.96 -0.08 43.41
C GLU B 175 -0.68 -1.58 43.54
N LYS B 176 -1.74 -2.40 43.46
CA LYS B 176 -1.75 -3.85 43.83
C LYS B 176 -1.57 -4.73 42.58
N LYS B 177 -1.13 -4.15 41.45
CA LYS B 177 -0.70 -4.91 40.24
C LYS B 177 -1.75 -5.97 39.85
N LEU B 178 -3.03 -5.56 39.80
CA LEU B 178 -4.19 -6.41 39.43
C LEU B 178 -4.61 -6.12 37.97
N ILE B 179 -4.04 -5.08 37.35
CA ILE B 179 -4.38 -4.61 35.97
C ILE B 179 -3.45 -5.28 34.96
N LYS B 180 -3.97 -6.22 34.15
CA LYS B 180 -3.24 -6.81 33.01
C LYS B 180 -3.04 -5.72 31.93
N LYS B 181 -4.15 -5.15 31.45
CA LYS B 181 -4.19 -4.19 30.31
C LYS B 181 -4.94 -2.92 30.74
N ILE B 182 -4.51 -1.75 30.22
CA ILE B 182 -5.28 -0.46 30.30
C ILE B 182 -5.73 -0.08 28.89
N TYR B 183 -7.03 0.13 28.67
CA TYR B 183 -7.66 0.60 27.40
C TYR B 183 -7.95 2.11 27.50
N PHE B 184 -6.91 2.93 27.29
CA PHE B 184 -6.81 4.36 27.68
C PHE B 184 -7.09 5.24 26.46
N THR B 185 -8.12 6.09 26.53
CA THR B 185 -8.43 7.13 25.52
C THR B 185 -7.64 8.39 25.87
N ARG B 186 -6.88 8.91 24.89
CA ARG B 186 -6.22 10.23 24.99
C ARG B 186 -7.17 11.28 24.42
N ILE B 187 -7.83 12.06 25.28
CA ILE B 187 -8.68 13.21 24.85
C ILE B 187 -7.73 14.38 24.67
N ASN B 188 -7.54 14.87 23.43
CA ASN B 188 -6.47 15.86 23.12
C ASN B 188 -7.05 17.27 23.10
N SER B 189 -7.70 17.63 24.19
CA SER B 189 -8.02 19.02 24.57
C SER B 189 -7.79 19.19 26.08
N THR B 190 -7.80 20.44 26.54
CA THR B 190 -7.58 20.87 27.96
C THR B 190 -8.95 21.16 28.62
N TYR B 191 -9.13 20.65 29.86
CA TYR B 191 -10.35 20.86 30.70
C TYR B 191 -9.94 21.02 32.17
N GLU B 192 -10.80 21.73 32.90
CA GLU B 192 -10.75 21.92 34.37
C GLU B 192 -10.94 20.54 35.00
N CYS B 193 -10.04 20.12 35.89
CA CYS B 193 -10.09 18.81 36.57
C CYS B 193 -9.92 18.95 38.08
N ASP B 194 -10.53 18.03 38.86
CA ASP B 194 -10.34 17.86 40.33
C ASP B 194 -9.67 16.50 40.61
N VAL B 195 -9.99 15.46 39.82
CA VAL B 195 -9.42 14.08 39.97
C VAL B 195 -8.59 13.72 38.73
N PHE B 196 -7.61 12.83 38.91
CA PHE B 196 -6.62 12.41 37.88
C PHE B 196 -6.44 10.90 37.90
N PHE B 197 -5.79 10.39 36.85
CA PHE B 197 -5.32 8.99 36.74
C PHE B 197 -3.94 8.92 37.41
N PRO B 198 -3.55 7.74 37.96
CA PRO B 198 -2.18 7.54 38.40
C PRO B 198 -1.18 7.74 37.26
N GLU B 199 -0.02 8.33 37.57
CA GLU B 199 1.18 8.21 36.69
C GLU B 199 1.27 6.71 36.37
N ILE B 200 1.25 6.35 35.09
CA ILE B 200 1.47 4.94 34.64
C ILE B 200 2.97 4.64 34.78
N ASN B 201 3.33 3.69 35.64
CA ASN B 201 4.75 3.32 35.93
C ASN B 201 5.39 2.79 34.63
N GLU B 202 6.21 3.62 33.99
CA GLU B 202 6.71 3.38 32.61
C GLU B 202 7.41 2.02 32.52
N ASN B 203 8.08 1.57 33.59
CA ASN B 203 8.85 0.29 33.65
C ASN B 203 7.92 -0.88 34.00
N GLU B 204 6.67 -0.61 34.45
CA GLU B 204 5.67 -1.59 34.95
C GLU B 204 4.58 -1.82 33.89
N TYR B 205 4.33 -0.84 33.00
CA TYR B 205 3.44 -0.97 31.81
C TYR B 205 4.11 -0.38 30.55
N GLN B 206 3.83 -0.95 29.37
CA GLN B 206 4.29 -0.45 28.05
C GLN B 206 3.13 -0.52 27.05
N ILE B 207 3.13 0.40 26.07
CA ILE B 207 2.07 0.57 25.04
C ILE B 207 2.33 -0.46 23.93
N ILE B 208 1.35 -1.31 23.59
CA ILE B 208 1.52 -2.41 22.59
C ILE B 208 0.54 -2.24 21.43
N SER B 209 -0.26 -1.16 21.41
CA SER B 209 -1.19 -0.83 20.28
C SER B 209 -1.61 0.64 20.35
N VAL B 210 -1.77 1.28 19.19
CA VAL B 210 -2.24 2.69 19.09
C VAL B 210 -3.11 2.83 17.84
N SER B 211 -4.31 3.41 17.98
CA SER B 211 -5.40 3.44 16.97
C SER B 211 -5.23 4.59 15.97
N ASP B 212 -6.15 4.69 15.02
CA ASP B 212 -6.28 5.85 14.09
C ASP B 212 -6.53 7.09 14.97
N VAL B 213 -6.31 8.29 14.44
CA VAL B 213 -6.68 9.56 15.13
C VAL B 213 -8.04 10.00 14.58
N TYR B 214 -8.87 10.56 15.45
CA TYR B 214 -10.28 10.89 15.14
C TYR B 214 -10.57 12.27 15.66
N THR B 215 -11.39 13.04 14.93
CA THR B 215 -12.08 14.23 15.46
C THR B 215 -13.47 13.78 15.93
N SER B 216 -13.96 14.39 16.99
CA SER B 216 -15.26 14.08 17.64
C SER B 216 -15.57 15.23 18.56
N ASN B 217 -16.71 15.89 18.36
CA ASN B 217 -17.16 17.01 19.23
C ASN B 217 -15.99 17.97 19.40
N ASN B 218 -15.40 18.41 18.29
CA ASN B 218 -14.38 19.51 18.21
C ASN B 218 -13.10 19.16 19.00
N THR B 219 -12.73 17.89 19.11
CA THR B 219 -11.41 17.54 19.67
C THR B 219 -10.90 16.27 18.99
N THR B 220 -9.59 16.19 18.80
CA THR B 220 -8.96 14.94 18.37
C THR B 220 -8.79 14.05 19.60
N LEU B 221 -8.66 12.76 19.31
CA LEU B 221 -8.56 11.66 20.28
C LEU B 221 -8.01 10.47 19.51
N ASP B 222 -7.30 9.62 20.24
CA ASP B 222 -6.96 8.25 19.81
C ASP B 222 -7.16 7.31 21.02
N PHE B 223 -6.97 6.03 20.75
CA PHE B 223 -7.14 4.89 21.68
C PHE B 223 -5.84 4.10 21.70
N ILE B 224 -5.18 4.01 22.84
CA ILE B 224 -3.91 3.23 23.00
C ILE B 224 -4.14 2.09 23.99
N ILE B 225 -3.25 1.09 23.95
CA ILE B 225 -3.38 -0.13 24.78
C ILE B 225 -2.06 -0.36 25.49
N TYR B 226 -2.08 -0.22 26.81
CA TYR B 226 -1.00 -0.57 27.76
C TYR B 226 -1.14 -2.02 28.21
N LYS B 227 -0.01 -2.73 28.28
CA LYS B 227 0.09 -4.10 28.89
C LYS B 227 1.14 -4.08 30.01
N LYS B 228 0.92 -4.92 31.03
CA LYS B 228 1.89 -5.27 32.10
C LYS B 228 3.15 -5.85 31.43
N THR B 229 4.32 -5.31 31.78
CA THR B 229 5.68 -5.77 31.35
C THR B 229 6.10 -7.04 32.12
N ASN B 230 7.10 -7.77 31.58
CA ASN B 230 7.77 -8.92 32.24
C ASN B 230 9.30 -8.76 32.09
N ASN B 231 10.01 -8.58 33.22
CA ASN B 231 11.46 -8.27 33.31
C ASN B 231 12.26 -9.58 33.33
N ASP B 283 -9.28 -24.41 8.58
CA ASP B 283 -8.75 -23.54 7.49
C ASP B 283 -7.38 -22.99 7.93
N ASP B 284 -6.49 -23.85 8.48
CA ASP B 284 -5.05 -23.57 8.73
C ASP B 284 -4.19 -24.40 7.76
N GLU B 285 -4.83 -25.04 6.77
CA GLU B 285 -4.17 -25.66 5.58
C GLU B 285 -3.73 -24.52 4.65
N GLU B 286 -4.63 -23.56 4.40
CA GLU B 286 -4.37 -22.33 3.59
C GLU B 286 -3.29 -21.46 4.29
N GLU B 287 -2.65 -21.97 5.36
CA GLU B 287 -1.62 -21.23 6.16
C GLU B 287 -0.21 -21.71 5.76
N ASP B 288 -0.07 -22.97 5.33
CA ASP B 288 1.20 -23.52 4.78
C ASP B 288 1.39 -23.02 3.33
N ASP B 289 0.29 -22.88 2.58
CA ASP B 289 0.24 -22.19 1.26
C ASP B 289 0.92 -20.81 1.36
N PHE B 290 0.73 -20.05 2.43
CA PHE B 290 1.43 -18.76 2.66
C PHE B 290 2.96 -19.00 2.71
N VAL B 291 3.44 -20.02 3.43
CA VAL B 291 4.90 -20.31 3.46
C VAL B 291 5.40 -20.68 2.06
N TYR B 292 4.66 -21.45 1.28
CA TYR B 292 5.10 -21.85 -0.08
C TYR B 292 5.21 -20.61 -0.97
N PHE B 293 4.24 -19.70 -0.88
CA PHE B 293 4.24 -18.47 -1.73
C PHE B 293 5.42 -17.58 -1.32
N ASN B 294 5.96 -17.71 -0.10
CA ASN B 294 7.13 -16.91 0.37
C ASN B 294 8.41 -17.69 0.08
N PHE B 295 8.30 -18.84 -0.55
CA PHE B 295 9.48 -19.67 -0.88
C PHE B 295 10.63 -18.88 -1.47
N ASN B 296 10.42 -17.78 -2.19
CA ASN B 296 11.54 -17.07 -2.85
C ASN B 296 11.91 -15.79 -2.10
N LYS B 297 11.38 -15.54 -0.89
CA LYS B 297 11.75 -14.34 -0.08
C LYS B 297 13.10 -14.57 0.62
N GLU B 298 13.32 -13.92 1.78
CA GLU B 298 14.66 -13.45 2.25
C GLU B 298 14.74 -13.49 3.77
N LYS B 299 15.90 -13.87 4.33
CA LYS B 299 16.09 -14.28 5.75
C LYS B 299 16.63 -13.09 6.58
N GLU B 300 17.92 -13.07 6.99
CA GLU B 300 18.49 -12.12 8.00
C GLU B 300 19.74 -11.37 7.50
N GLU B 301 20.69 -12.00 6.80
CA GLU B 301 21.72 -11.30 5.98
C GLU B 301 21.02 -10.66 4.76
N LYS B 302 19.82 -11.21 4.43
CA LYS B 302 18.81 -10.75 3.44
C LYS B 302 17.62 -10.09 4.19
N ASN B 303 17.27 -8.86 3.82
CA ASN B 303 16.81 -7.77 4.73
C ASN B 303 18.08 -7.02 5.12
N LYS B 304 18.76 -6.40 4.15
CA LYS B 304 20.12 -5.75 4.25
C LYS B 304 20.21 -4.74 5.42
N ASN B 305 20.52 -5.20 6.63
CA ASN B 305 20.48 -4.39 7.89
C ASN B 305 21.79 -4.46 8.69
N SER B 306 22.58 -3.39 8.60
CA SER B 306 23.60 -2.97 9.61
C SER B 306 22.94 -2.00 10.60
N ILE B 307 21.73 -1.55 10.27
CA ILE B 307 20.65 -1.16 11.24
C ILE B 307 20.43 -2.39 12.14
N HIS B 308 20.06 -2.21 13.41
CA HIS B 308 19.78 -3.39 14.29
C HIS B 308 18.33 -3.35 14.75
N PRO B 309 17.46 -4.22 14.16
CA PRO B 309 16.03 -4.30 14.53
C PRO B 309 15.77 -4.22 16.04
N ASN B 310 16.60 -4.90 16.84
CA ASN B 310 16.49 -5.03 18.32
C ASN B 310 16.65 -3.64 18.98
N ASP B 311 17.25 -2.68 18.27
CA ASP B 311 17.38 -1.27 18.72
C ASP B 311 16.04 -0.53 18.63
N PHE B 312 15.06 -1.06 17.88
CA PHE B 312 13.66 -0.56 17.78
C PHE B 312 12.68 -1.45 18.54
N GLN B 313 13.03 -1.96 19.73
CA GLN B 313 12.18 -2.93 20.49
C GLN B 313 10.75 -2.40 20.58
N ILE B 314 10.61 -1.10 20.86
CA ILE B 314 9.30 -0.43 21.11
C ILE B 314 8.50 -0.43 19.80
N TYR B 315 9.11 -0.01 18.70
CA TYR B 315 8.47 -0.01 17.35
C TYR B 315 8.05 -1.45 17.03
N ASN B 316 8.91 -2.42 17.34
CA ASN B 316 8.72 -3.84 16.94
C ASN B 316 7.71 -4.51 17.89
N SER B 317 7.56 -4.02 19.12
CA SER B 317 6.69 -4.61 20.16
C SER B 317 5.21 -4.25 19.92
N LEU B 318 4.92 -3.13 19.23
CA LEU B 318 3.53 -2.74 18.87
C LEU B 318 2.91 -3.78 17.94
N LYS B 319 1.73 -4.30 18.25
CA LYS B 319 0.99 -5.22 17.36
C LYS B 319 0.22 -4.35 16.34
N TYR B 320 -0.52 -3.36 16.83
CA TYR B 320 -1.40 -2.48 16.03
C TYR B 320 -0.86 -1.06 16.04
N LYS B 321 -0.47 -0.59 14.85
CA LYS B 321 0.25 0.69 14.56
C LYS B 321 -0.62 1.49 13.58
N TYR B 322 -1.77 1.91 14.05
CA TYR B 322 -2.86 2.42 13.19
C TYR B 322 -2.88 3.95 13.21
N HIS B 323 -2.17 4.60 14.15
CA HIS B 323 -1.93 6.09 14.17
C HIS B 323 -1.33 6.47 12.82
N PRO B 324 -1.80 7.55 12.17
CA PRO B 324 -1.36 7.88 10.81
C PRO B 324 0.11 8.26 10.69
N GLU B 325 0.73 8.74 11.77
CA GLU B 325 2.18 9.00 11.80
C GLU B 325 2.96 7.74 11.39
N TYR B 326 2.40 6.55 11.62
CA TYR B 326 3.04 5.26 11.24
C TYR B 326 3.18 5.19 9.72
N GLN B 327 2.36 5.95 8.97
CA GLN B 327 2.55 6.05 7.51
C GLN B 327 3.90 6.66 7.20
N TYR B 328 4.39 7.59 8.02
CA TYR B 328 5.73 8.22 7.82
C TYR B 328 6.80 7.30 8.41
N LEU B 329 6.52 6.78 9.61
CA LEU B 329 7.50 5.98 10.41
C LEU B 329 7.81 4.67 9.68
N ASN B 330 6.78 3.99 9.18
CA ASN B 330 6.89 2.70 8.45
C ASN B 330 7.76 2.88 7.21
N ILE B 331 7.71 4.05 6.56
CA ILE B 331 8.55 4.30 5.35
C ILE B 331 10.00 4.43 5.80
N ILE B 332 10.26 5.03 6.94
CA ILE B 332 11.65 5.17 7.47
C ILE B 332 12.22 3.80 7.80
N TYR B 333 11.42 2.95 8.43
CA TYR B 333 11.77 1.55 8.77
C TYR B 333 12.03 0.81 7.48
N ASP B 334 11.15 0.99 6.48
CA ASP B 334 11.28 0.28 5.19
C ASP B 334 12.60 0.70 4.54
N ILE B 335 12.86 1.99 4.46
CA ILE B 335 14.12 2.44 3.80
C ILE B 335 15.36 1.93 4.56
N MET B 336 15.40 2.04 5.89
CA MET B 336 16.54 1.58 6.71
C MET B 336 16.82 0.10 6.46
N MET B 337 15.78 -0.72 6.35
CA MET B 337 15.87 -2.20 6.36
C MET B 337 16.10 -2.76 4.95
N ASN B 338 15.47 -2.18 3.91
CA ASN B 338 15.46 -2.69 2.51
C ASN B 338 16.04 -1.64 1.53
N GLY B 339 16.48 -0.50 2.06
CA GLY B 339 17.04 0.64 1.28
C GLY B 339 18.26 0.23 0.47
N ASN B 340 18.42 0.80 -0.71
CA ASN B 340 19.62 0.68 -1.57
C ASN B 340 20.67 1.69 -1.07
N LYS B 341 21.88 1.23 -0.75
CA LYS B 341 22.99 2.17 -0.40
C LYS B 341 23.40 2.89 -1.70
N GLN B 342 23.29 4.23 -1.74
CA GLN B 342 23.80 5.04 -2.89
C GLN B 342 24.60 6.23 -2.36
N SER B 343 25.43 6.80 -3.23
CA SER B 343 26.38 7.89 -2.90
C SER B 343 26.09 9.08 -3.81
N ASP B 344 25.05 9.84 -3.43
CA ASP B 344 24.53 11.06 -4.12
C ASP B 344 25.68 12.05 -4.30
N ARG B 345 25.42 13.12 -5.07
CA ARG B 345 26.38 14.21 -5.39
C ARG B 345 27.72 13.94 -4.71
N THR B 346 27.78 14.16 -3.38
CA THR B 346 28.92 14.73 -2.61
C THR B 346 29.84 13.64 -2.01
N GLY B 347 29.35 12.41 -1.85
CA GLY B 347 29.93 11.39 -0.94
C GLY B 347 29.22 11.37 0.42
N VAL B 348 28.05 12.03 0.50
CA VAL B 348 27.20 12.17 1.73
C VAL B 348 26.73 10.76 2.14
N GLY B 349 26.11 10.03 1.21
CA GLY B 349 25.59 8.68 1.45
C GLY B 349 24.12 8.70 1.87
N VAL B 350 23.27 7.89 1.24
CA VAL B 350 21.84 7.76 1.60
C VAL B 350 21.46 6.29 1.47
N LEU B 351 20.38 5.92 2.13
CA LEU B 351 19.60 4.71 1.83
C LEU B 351 18.38 5.21 1.06
N SER B 352 18.05 4.55 -0.07
CA SER B 352 17.08 5.08 -1.07
C SER B 352 16.08 3.99 -1.43
N LYS B 353 14.82 4.34 -1.65
CA LYS B 353 13.79 3.51 -2.33
C LYS B 353 13.05 4.41 -3.31
N PHE B 354 12.19 3.86 -4.17
CA PHE B 354 11.45 4.58 -5.24
C PHE B 354 9.95 4.24 -5.19
N GLY B 355 9.09 5.19 -4.81
CA GLY B 355 7.64 5.11 -4.98
C GLY B 355 6.94 4.71 -3.71
N TYR B 356 6.39 5.70 -3.00
CA TYR B 356 5.53 5.52 -1.81
C TYR B 356 4.33 6.45 -1.96
N ILE B 357 3.29 6.18 -1.20
CA ILE B 357 2.07 7.02 -1.14
C ILE B 357 1.61 6.97 0.34
N MET B 358 1.61 8.11 1.03
CA MET B 358 0.95 8.32 2.34
C MET B 358 -0.33 9.13 2.12
N LYS B 359 -1.35 8.89 2.94
CA LYS B 359 -2.64 9.62 2.88
C LYS B 359 -2.99 10.02 4.30
N PHE B 360 -3.33 11.28 4.54
CA PHE B 360 -3.69 11.82 5.87
C PHE B 360 -5.10 12.40 5.78
N ASP B 361 -5.97 12.03 6.72
CA ASP B 361 -7.36 12.53 6.73
C ASP B 361 -7.38 13.87 7.47
N LEU B 362 -7.27 14.94 6.70
CA LEU B 362 -7.37 16.35 7.15
C LEU B 362 -8.70 16.65 7.85
N SER B 363 -9.75 15.86 7.65
CA SER B 363 -11.06 16.08 8.31
C SER B 363 -10.96 15.61 9.76
N GLN B 364 -9.99 14.76 10.08
CA GLN B 364 -9.93 14.03 11.38
C GLN B 364 -8.76 14.55 12.22
N TYR B 365 -7.73 15.12 11.56
CA TYR B 365 -6.54 15.65 12.27
C TYR B 365 -5.65 16.44 11.32
N PHE B 366 -4.65 17.11 11.89
CA PHE B 366 -3.61 17.85 11.17
C PHE B 366 -2.32 17.07 11.29
N PRO B 367 -1.76 16.52 10.20
CA PRO B 367 -0.70 15.52 10.31
C PRO B 367 0.68 16.16 10.54
N LEU B 368 0.86 16.87 11.65
CA LEU B 368 2.16 17.41 12.09
C LEU B 368 2.83 16.37 12.99
N LEU B 369 3.90 15.74 12.50
CA LEU B 369 4.64 14.66 13.22
C LEU B 369 4.77 14.96 14.72
N THR B 370 4.48 13.97 15.56
CA THR B 370 4.46 14.09 17.04
C THR B 370 5.65 13.39 17.66
N THR B 371 6.43 12.63 16.90
CA THR B 371 7.60 11.87 17.44
C THR B 371 8.83 12.78 17.54
N LYS B 372 8.65 14.09 17.26
CA LYS B 372 9.67 15.16 17.47
C LYS B 372 9.04 16.52 17.24
N LYS B 373 9.74 17.59 17.63
CA LYS B 373 9.18 18.95 17.63
C LYS B 373 9.33 19.55 16.23
N LEU B 374 8.23 20.07 15.68
CA LEU B 374 8.23 20.83 14.41
C LEU B 374 7.66 22.24 14.62
N PHE B 375 8.29 23.19 13.93
CA PHE B 375 7.94 24.63 13.90
C PHE B 375 7.37 24.94 12.51
N LEU B 376 6.31 25.76 12.44
CA LEU B 376 5.58 26.02 11.18
C LEU B 376 5.61 27.50 10.75
N ARG B 377 6.05 28.46 11.56
CA ARG B 377 6.04 29.88 11.12
C ARG B 377 6.77 29.99 9.77
N GLY B 378 7.97 29.41 9.69
CA GLY B 378 8.84 29.52 8.50
C GLY B 378 8.16 28.97 7.26
N ILE B 379 7.63 27.75 7.35
CA ILE B 379 7.00 27.07 6.19
C ILE B 379 5.63 27.71 5.90
N ILE B 380 4.97 28.34 6.87
CA ILE B 380 3.73 29.12 6.59
C ILE B 380 4.12 30.39 5.82
N GLU B 381 5.19 31.09 6.24
CA GLU B 381 5.67 32.30 5.51
C GLU B 381 6.06 31.93 4.07
N GLU B 382 6.62 30.73 3.88
CA GLU B 382 7.19 30.28 2.57
C GLU B 382 6.01 30.15 1.61
N LEU B 383 4.94 29.54 2.12
CA LEU B 383 3.64 29.30 1.43
C LEU B 383 3.02 30.65 1.05
N LEU B 384 3.01 31.63 1.95
CA LEU B 384 2.47 32.99 1.65
C LEU B 384 3.35 33.63 0.56
N TRP B 385 4.64 33.42 0.68
CA TRP B 385 5.65 33.94 -0.24
C TRP B 385 5.40 33.37 -1.64
N PHE B 386 5.14 32.07 -1.74
CA PHE B 386 4.76 31.38 -3.01
C PHE B 386 3.52 32.05 -3.59
N ILE B 387 2.48 32.18 -2.78
CA ILE B 387 1.15 32.64 -3.25
C ILE B 387 1.31 34.07 -3.81
N ARG B 388 2.21 34.89 -3.24
CA ARG B 388 2.41 36.28 -3.75
C ARG B 388 3.23 36.28 -5.06
N GLY B 389 3.74 35.13 -5.51
CA GLY B 389 4.56 35.02 -6.73
C GLY B 389 6.03 35.42 -6.53
N GLU B 390 6.50 35.60 -5.29
CA GLU B 390 7.87 36.11 -5.07
C GLU B 390 8.90 35.05 -5.47
N THR B 391 10.07 35.53 -5.88
CA THR B 391 11.27 34.71 -6.12
C THR B 391 12.42 35.34 -5.33
N ASN B 392 12.14 36.37 -4.54
CA ASN B 392 13.14 37.24 -3.85
C ASN B 392 13.49 36.59 -2.51
N GLY B 393 14.65 35.93 -2.44
CA GLY B 393 15.12 35.29 -1.20
C GLY B 393 15.18 36.24 -0.01
N ASN B 394 15.45 37.53 -0.22
CA ASN B 394 15.66 38.53 0.86
C ASN B 394 14.35 38.67 1.65
N THR B 395 13.19 38.61 0.98
CA THR B 395 11.86 38.80 1.62
C THR B 395 11.75 37.84 2.80
N LEU B 396 12.18 36.60 2.60
CA LEU B 396 12.20 35.53 3.61
C LEU B 396 13.32 35.80 4.61
N LEU B 397 14.50 36.25 4.17
CA LEU B 397 15.69 36.39 5.06
C LEU B 397 15.40 37.49 6.07
N ASN B 398 14.69 38.56 5.66
CA ASN B 398 14.27 39.70 6.53
C ASN B 398 13.18 39.24 7.52
N LYS B 399 12.62 38.06 7.34
CA LYS B 399 11.62 37.48 8.28
C LYS B 399 12.25 36.29 8.99
N ASN B 400 13.55 36.09 8.83
CA ASN B 400 14.30 34.99 9.49
C ASN B 400 13.64 33.65 9.16
N VAL B 401 13.30 33.45 7.90
CA VAL B 401 12.99 32.12 7.31
C VAL B 401 14.17 31.87 6.39
N ARG B 402 15.01 30.87 6.69
CA ARG B 402 16.34 30.71 6.03
C ARG B 402 16.39 29.38 5.25
N ILE B 403 15.21 28.82 4.97
CA ILE B 403 14.93 27.60 4.17
C ILE B 403 15.69 27.66 2.86
N TRP B 404 15.73 28.83 2.20
CA TRP B 404 16.34 29.05 0.86
C TRP B 404 17.67 29.78 0.95
N GLU B 405 18.22 30.02 2.15
CA GLU B 405 19.46 30.84 2.26
C GLU B 405 20.59 30.21 1.43
N ALA B 406 20.91 28.94 1.65
CA ALA B 406 22.07 28.27 0.99
C ALA B 406 21.92 28.33 -0.54
N ASN B 407 20.69 28.37 -1.06
CA ASN B 407 20.41 28.25 -2.52
C ASN B 407 20.55 29.61 -3.21
N GLY B 408 20.80 30.67 -2.45
CA GLY B 408 20.88 32.05 -2.95
C GLY B 408 22.28 32.65 -2.84
N THR B 409 23.29 31.93 -2.34
CA THR B 409 24.66 32.50 -2.14
C THR B 409 25.28 32.76 -3.52
N ARG B 410 26.15 33.75 -3.61
CA ARG B 410 27.07 33.88 -4.79
C ARG B 410 27.64 32.50 -5.15
N GLU B 411 28.13 31.74 -4.17
CA GLU B 411 28.89 30.48 -4.45
C GLU B 411 27.92 29.49 -5.11
N PHE B 412 26.75 29.27 -4.52
CA PHE B 412 25.74 28.29 -5.00
C PHE B 412 25.17 28.72 -6.34
N LEU B 413 24.90 30.00 -6.52
CA LEU B 413 24.41 30.52 -7.82
C LEU B 413 25.47 30.27 -8.91
N ASP B 414 26.72 30.65 -8.66
CA ASP B 414 27.88 30.45 -9.57
C ASP B 414 28.00 28.95 -9.88
N ASN B 415 27.83 28.05 -8.92
CA ASN B 415 28.01 26.60 -9.21
C ASN B 415 26.86 26.06 -10.07
N ARG B 416 25.69 26.69 -10.03
CA ARG B 416 24.51 26.39 -10.90
C ARG B 416 24.70 27.03 -12.27
N LYS B 417 25.87 27.62 -12.54
CA LYS B 417 26.20 28.35 -13.79
C LYS B 417 25.28 29.58 -13.91
N LEU B 418 24.89 30.20 -12.80
CA LEU B 418 24.02 31.40 -12.79
C LEU B 418 24.86 32.61 -12.40
N PHE B 419 25.91 32.87 -13.15
CA PHE B 419 26.88 33.94 -12.85
C PHE B 419 26.22 35.31 -12.92
N HIS B 420 25.03 35.44 -13.51
CA HIS B 420 24.39 36.76 -13.84
C HIS B 420 23.10 36.93 -13.03
N ARG B 421 23.06 36.24 -11.90
CA ARG B 421 21.91 36.19 -11.01
C ARG B 421 22.37 36.86 -9.74
N GLU B 422 21.63 37.88 -9.31
CA GLU B 422 21.78 38.54 -8.00
C GLU B 422 21.62 37.50 -6.90
N VAL B 423 22.43 37.66 -5.87
CA VAL B 423 22.37 36.88 -4.61
C VAL B 423 20.94 36.95 -4.07
N ASN B 424 20.34 35.79 -3.82
CA ASN B 424 18.98 35.57 -3.27
C ASN B 424 17.93 35.84 -4.34
N ASP B 425 18.33 36.13 -5.60
CA ASP B 425 17.42 36.01 -6.78
C ASP B 425 17.35 34.54 -7.16
N LEU B 426 16.31 33.85 -6.70
CA LEU B 426 16.24 32.37 -6.73
C LEU B 426 15.76 31.89 -8.10
N GLY B 427 15.33 32.83 -8.96
CA GLY B 427 14.92 32.60 -10.35
C GLY B 427 13.45 32.20 -10.45
N PRO B 428 12.97 31.67 -11.61
CA PRO B 428 11.56 31.30 -11.76
C PRO B 428 11.19 30.00 -11.02
N ILE B 429 11.16 30.10 -9.68
CA ILE B 429 10.81 28.98 -8.77
C ILE B 429 9.30 29.03 -8.46
N TYR B 430 8.87 28.25 -7.46
CA TYR B 430 7.45 27.99 -7.13
C TYR B 430 6.56 29.20 -7.46
N GLY B 431 6.72 30.27 -6.69
CA GLY B 431 5.91 31.50 -6.80
C GLY B 431 5.72 31.92 -8.24
N PHE B 432 6.79 31.93 -9.03
CA PHE B 432 6.75 32.49 -10.41
C PHE B 432 5.95 31.55 -11.35
N GLN B 433 6.21 30.25 -11.24
CA GLN B 433 5.47 29.21 -11.99
C GLN B 433 4.00 29.20 -11.56
N TRP B 434 3.68 29.39 -10.27
CA TRP B 434 2.28 29.33 -9.76
C TRP B 434 1.41 30.46 -10.28
N ARG B 435 1.99 31.66 -10.49
CA ARG B 435 1.29 32.90 -10.89
C ARG B 435 1.73 33.40 -12.28
N HIS B 436 2.78 32.86 -12.91
CA HIS B 436 3.26 33.50 -14.17
C HIS B 436 3.84 32.50 -15.17
N PHE B 437 3.34 31.26 -15.21
CA PHE B 437 3.98 30.14 -15.96
C PHE B 437 4.06 30.53 -17.45
N GLY B 438 5.29 30.61 -17.95
CA GLY B 438 5.60 30.85 -19.37
C GLY B 438 6.07 32.27 -19.63
N ALA B 439 5.99 33.12 -18.62
CA ALA B 439 6.52 34.50 -18.68
C ALA B 439 8.05 34.40 -18.67
N GLU B 440 8.72 35.24 -19.48
CA GLU B 440 10.19 35.33 -19.51
C GLU B 440 10.62 35.93 -18.18
N TYR B 441 11.19 35.14 -17.27
CA TYR B 441 11.82 35.63 -16.01
C TYR B 441 12.90 36.66 -16.32
N THR B 442 12.95 37.75 -15.55
CA THR B 442 13.94 38.86 -15.75
C THR B 442 14.79 39.01 -14.50
N ASN B 443 14.22 39.51 -13.40
CA ASN B 443 14.85 39.52 -12.05
C ASN B 443 13.73 39.54 -10.99
N MET B 444 14.12 39.35 -9.74
CA MET B 444 13.16 39.14 -8.63
C MET B 444 12.35 40.43 -8.33
N TYR B 445 12.72 41.57 -8.92
CA TYR B 445 12.09 42.89 -8.61
C TYR B 445 11.13 43.32 -9.72
N ASP B 446 11.18 42.70 -10.89
CA ASP B 446 10.34 43.11 -12.04
C ASP B 446 8.85 42.90 -11.69
N ASN B 447 8.00 43.77 -12.21
CA ASN B 447 6.52 43.64 -12.16
C ASN B 447 6.08 42.68 -13.26
N TYR B 448 5.45 41.56 -12.90
CA TYR B 448 5.02 40.54 -13.90
C TYR B 448 3.47 40.51 -14.05
N GLU B 449 2.72 41.41 -13.44
CA GLU B 449 1.23 41.40 -13.48
C GLU B 449 0.69 41.10 -14.90
N ASN B 450 -0.20 40.11 -15.00
CA ASN B 450 -0.92 39.65 -16.22
C ASN B 450 0.11 39.15 -17.24
N LYS B 451 1.23 38.61 -16.77
CA LYS B 451 2.22 37.93 -17.64
C LYS B 451 2.22 36.46 -17.28
N GLY B 452 2.08 35.59 -18.28
CA GLY B 452 2.09 34.12 -18.15
C GLY B 452 0.84 33.61 -17.48
N VAL B 453 0.76 32.30 -17.28
CA VAL B 453 -0.47 31.58 -16.82
C VAL B 453 -0.51 31.62 -15.28
N ASP B 454 -1.48 32.35 -14.71
CA ASP B 454 -1.81 32.33 -13.25
C ASP B 454 -2.54 31.00 -12.98
N GLN B 455 -1.75 29.96 -12.81
CA GLN B 455 -2.31 28.63 -12.50
C GLN B 455 -3.07 28.68 -11.18
N LEU B 456 -2.63 29.50 -10.21
CA LEU B 456 -3.23 29.46 -8.85
C LEU B 456 -4.65 29.97 -8.98
N LYS B 457 -4.85 31.14 -9.59
CA LYS B 457 -6.21 31.67 -9.89
C LYS B 457 -7.00 30.62 -10.71
N ASN B 458 -6.39 30.01 -11.75
CA ASN B 458 -7.07 29.01 -12.64
C ASN B 458 -7.54 27.78 -11.82
N ILE B 459 -6.70 27.13 -11.01
CA ILE B 459 -7.08 25.86 -10.33
C ILE B 459 -8.18 26.14 -9.32
N ILE B 460 -8.22 27.36 -8.79
CA ILE B 460 -9.27 27.80 -7.82
C ILE B 460 -10.60 27.94 -8.56
N ASN B 461 -10.57 28.65 -9.69
CA ASN B 461 -11.76 28.80 -10.56
C ASN B 461 -12.23 27.43 -11.08
N LEU B 462 -11.33 26.47 -11.33
CA LEU B 462 -11.74 25.08 -11.69
C LEU B 462 -12.48 24.45 -10.51
N ILE B 463 -11.92 24.51 -9.31
CA ILE B 463 -12.58 23.84 -8.16
C ILE B 463 -14.02 24.35 -8.00
N LYS B 464 -14.23 25.68 -8.13
CA LYS B 464 -15.54 26.37 -7.93
C LYS B 464 -16.52 26.15 -9.09
N ASN B 465 -16.04 26.18 -10.33
CA ASN B 465 -16.88 26.14 -11.56
C ASN B 465 -16.97 24.72 -12.12
N ASP B 466 -15.95 23.87 -11.93
CA ASP B 466 -15.84 22.55 -12.59
C ASP B 466 -15.15 21.55 -11.66
N PRO B 467 -15.74 21.27 -10.47
CA PRO B 467 -15.07 20.42 -9.48
C PRO B 467 -14.81 18.96 -9.96
N THR B 468 -15.56 18.46 -10.93
CA THR B 468 -15.39 17.05 -11.39
C THR B 468 -14.29 16.95 -12.46
N SER B 469 -13.70 18.09 -12.81
CA SER B 469 -12.52 18.19 -13.72
C SER B 469 -11.37 17.33 -13.19
N ARG B 470 -10.65 16.70 -14.09
CA ARG B 470 -9.48 15.89 -13.75
C ARG B 470 -8.25 16.62 -14.26
N ARG B 471 -8.35 17.94 -14.40
CA ARG B 471 -7.24 18.80 -14.91
C ARG B 471 -6.85 19.84 -13.87
N ILE B 472 -7.26 19.69 -12.62
CA ILE B 472 -6.99 20.69 -11.55
C ILE B 472 -5.60 20.39 -11.00
N LEU B 473 -4.59 20.77 -11.79
CA LEU B 473 -3.15 20.54 -11.48
C LEU B 473 -2.48 21.89 -11.27
N LEU B 474 -1.71 22.00 -10.19
CA LEU B 474 -0.80 23.15 -9.95
C LEU B 474 0.62 22.64 -10.11
N CYS B 475 1.33 23.00 -11.17
CA CYS B 475 2.66 22.44 -11.57
C CYS B 475 3.77 23.51 -11.59
N ALA B 476 4.82 23.27 -10.79
CA ALA B 476 6.06 24.05 -10.59
C ALA B 476 7.18 23.59 -11.50
N TRP B 477 7.08 22.39 -12.09
CA TRP B 477 8.15 21.80 -12.91
C TRP B 477 8.06 22.34 -14.33
N ASN B 478 8.51 23.58 -14.55
CA ASN B 478 8.55 24.22 -15.88
C ASN B 478 9.88 23.82 -16.54
N VAL B 479 9.86 22.90 -17.51
CA VAL B 479 11.08 22.28 -18.11
C VAL B 479 11.92 23.36 -18.82
N LYS B 480 11.25 24.34 -19.41
CA LYS B 480 11.90 25.49 -20.09
C LYS B 480 12.79 26.25 -19.09
N ASP B 481 12.38 26.35 -17.83
CA ASP B 481 12.96 27.30 -16.84
C ASP B 481 13.87 26.57 -15.86
N LEU B 482 13.99 25.24 -15.89
CA LEU B 482 14.69 24.51 -14.78
C LEU B 482 16.09 25.10 -14.61
N ASP B 483 16.84 25.28 -15.68
CA ASP B 483 18.25 25.72 -15.52
C ASP B 483 18.28 27.10 -14.87
N GLN B 484 17.33 27.99 -15.15
CA GLN B 484 17.31 29.35 -14.57
C GLN B 484 16.98 29.30 -13.08
N MET B 485 16.50 28.17 -12.56
CA MET B 485 16.04 28.10 -11.14
C MET B 485 17.27 27.86 -10.24
N ALA B 486 17.32 28.49 -9.08
CA ALA B 486 18.40 28.24 -8.11
C ALA B 486 18.53 26.73 -7.91
N LEU B 487 17.41 26.03 -7.82
CA LEU B 487 17.40 24.57 -8.05
C LEU B 487 16.01 24.13 -8.51
N PRO B 488 15.89 22.97 -9.21
CA PRO B 488 14.59 22.54 -9.69
C PRO B 488 13.74 22.08 -8.52
N PRO B 489 12.41 22.24 -8.57
CA PRO B 489 11.59 22.01 -7.38
C PRO B 489 11.54 20.54 -6.92
N CYS B 490 11.40 20.26 -5.62
CA CYS B 490 11.15 18.88 -5.11
C CYS B 490 9.68 18.59 -5.33
N HIS B 491 8.83 19.59 -5.15
CA HIS B 491 7.36 19.43 -5.17
C HIS B 491 6.84 19.67 -6.59
N ILE B 492 6.66 18.63 -7.38
CA ILE B 492 6.53 18.77 -8.86
C ILE B 492 5.19 19.42 -9.13
N LEU B 493 4.14 18.85 -8.54
CA LEU B 493 2.75 19.32 -8.71
C LEU B 493 1.82 18.91 -7.56
N CYS B 494 0.73 19.65 -7.47
CA CYS B 494 -0.51 19.33 -6.75
C CYS B 494 -1.58 18.95 -7.79
N GLN B 495 -2.36 17.92 -7.49
CA GLN B 495 -3.63 17.67 -8.18
C GLN B 495 -4.70 17.67 -7.11
N PHE B 496 -5.86 18.25 -7.43
CA PHE B 496 -7.04 18.32 -6.55
C PHE B 496 -8.17 17.44 -7.13
N TYR B 497 -9.08 17.08 -6.25
CA TYR B 497 -10.23 16.20 -6.48
C TYR B 497 -11.31 16.80 -5.59
N VAL B 498 -12.51 16.93 -6.11
CA VAL B 498 -13.64 17.38 -5.24
C VAL B 498 -14.74 16.34 -5.32
N PHE B 499 -15.17 15.83 -4.18
CA PHE B 499 -16.41 15.05 -4.08
C PHE B 499 -17.25 15.57 -2.91
N ASP B 500 -18.56 15.75 -3.13
CA ASP B 500 -19.57 15.99 -2.06
C ASP B 500 -19.09 17.14 -1.15
N GLY B 501 -18.67 18.25 -1.76
CA GLY B 501 -18.22 19.47 -1.08
C GLY B 501 -16.94 19.32 -0.27
N LYS B 502 -16.11 18.32 -0.60
CA LYS B 502 -14.83 17.98 0.10
C LYS B 502 -13.68 18.00 -0.90
N LEU B 503 -12.51 18.47 -0.47
CA LEU B 503 -11.32 18.72 -1.32
C LEU B 503 -10.20 17.79 -0.88
N SER B 504 -9.72 16.96 -1.81
CA SER B 504 -8.47 16.17 -1.63
C SER B 504 -7.37 16.78 -2.51
N CYS B 505 -6.11 16.53 -2.14
CA CYS B 505 -4.91 17.05 -2.84
C CYS B 505 -3.85 15.94 -2.87
N ILE B 506 -3.38 15.58 -4.04
CA ILE B 506 -2.16 14.76 -4.22
C ILE B 506 -1.00 15.71 -4.49
N MET B 507 0.13 15.51 -3.82
CA MET B 507 1.37 16.22 -4.20
C MET B 507 2.40 15.17 -4.53
N TYR B 508 3.00 15.27 -5.71
CA TYR B 508 4.05 14.32 -6.17
C TYR B 508 5.39 14.92 -5.82
N GLN B 509 6.13 14.26 -4.94
CA GLN B 509 7.47 14.76 -4.49
C GLN B 509 8.54 13.92 -5.21
N ARG B 510 9.34 14.56 -6.05
CA ARG B 510 10.37 13.85 -6.87
C ARG B 510 11.50 13.40 -5.94
N SER B 511 11.87 14.22 -4.95
CA SER B 511 13.06 13.99 -4.08
C SER B 511 12.69 14.24 -2.62
N CYS B 512 12.86 13.24 -1.76
CA CYS B 512 12.25 13.15 -0.41
C CYS B 512 13.32 12.80 0.64
N ASP B 513 13.77 13.81 1.38
CA ASP B 513 14.62 13.64 2.56
C ASP B 513 13.71 13.27 3.72
N LEU B 514 13.63 11.99 4.04
CA LEU B 514 12.60 11.50 5.00
C LEU B 514 12.85 12.08 6.39
N GLY B 515 14.12 12.31 6.75
CA GLY B 515 14.55 12.76 8.08
C GLY B 515 14.26 14.24 8.33
N LEU B 516 14.53 15.11 7.36
CA LEU B 516 14.45 16.58 7.59
C LEU B 516 13.27 17.18 6.83
N GLY B 517 13.21 16.94 5.52
CA GLY B 517 12.30 17.57 4.55
C GLY B 517 10.88 17.11 4.71
N VAL B 518 10.66 15.80 4.61
CA VAL B 518 9.28 15.26 4.44
C VAL B 518 8.40 15.73 5.61
N PRO B 519 8.91 15.70 6.87
CA PRO B 519 8.08 16.08 8.00
C PRO B 519 7.47 17.44 7.74
N PHE B 520 8.27 18.39 7.25
CA PHE B 520 7.83 19.77 6.92
C PHE B 520 6.96 19.78 5.66
N ASN B 521 7.28 18.94 4.68
CA ASN B 521 6.58 18.96 3.37
C ASN B 521 5.12 18.53 3.57
N ILE B 522 4.89 17.60 4.49
CA ILE B 522 3.50 17.16 4.84
C ILE B 522 2.71 18.35 5.39
N ALA B 523 3.31 19.12 6.29
CA ALA B 523 2.64 20.24 6.97
C ALA B 523 2.28 21.32 5.93
N SER B 524 3.25 21.73 5.10
CA SER B 524 3.10 22.76 4.04
C SER B 524 1.84 22.50 3.22
N TYR B 525 1.80 21.30 2.63
CA TYR B 525 0.79 20.93 1.63
C TYR B 525 -0.53 20.55 2.34
N SER B 526 -0.47 20.17 3.61
CA SER B 526 -1.71 19.98 4.41
C SER B 526 -2.32 21.37 4.57
N ILE B 527 -1.53 22.32 5.07
CA ILE B 527 -1.92 23.76 5.24
C ILE B 527 -2.50 24.27 3.92
N PHE B 528 -1.76 24.15 2.83
CA PHE B 528 -2.20 24.64 1.50
C PHE B 528 -3.60 24.11 1.22
N THR B 529 -3.83 22.82 1.47
CA THR B 529 -5.08 22.12 1.12
C THR B 529 -6.22 22.81 1.86
N HIS B 530 -6.01 23.08 3.16
CA HIS B 530 -6.94 23.85 4.04
C HIS B 530 -7.20 25.23 3.39
N MET B 531 -6.14 25.91 2.96
CA MET B 531 -6.29 27.27 2.41
C MET B 531 -7.15 27.14 1.15
N ILE B 532 -6.75 26.30 0.19
CA ILE B 532 -7.48 26.14 -1.09
C ILE B 532 -8.95 25.77 -0.76
N ALA B 533 -9.15 24.87 0.21
CA ALA B 533 -10.49 24.33 0.52
C ALA B 533 -11.36 25.47 1.01
N GLN B 534 -10.81 26.31 1.88
CA GLN B 534 -11.57 27.35 2.59
C GLN B 534 -11.97 28.47 1.62
N VAL B 535 -11.08 28.90 0.73
CA VAL B 535 -11.39 29.98 -0.26
C VAL B 535 -12.33 29.44 -1.35
N CYS B 536 -12.57 28.14 -1.38
CA CYS B 536 -13.48 27.48 -2.34
C CYS B 536 -14.75 26.99 -1.62
N ASN B 537 -14.91 27.30 -0.33
CA ASN B 537 -16.04 26.84 0.52
C ASN B 537 -16.23 25.35 0.42
N LEU B 538 -15.16 24.61 0.60
CA LEU B 538 -15.14 23.14 0.72
C LEU B 538 -14.50 22.73 2.05
N GLN B 539 -14.79 21.53 2.52
CA GLN B 539 -14.09 20.96 3.67
C GLN B 539 -12.87 20.20 3.14
N PRO B 540 -11.67 20.36 3.74
CA PRO B 540 -10.51 19.57 3.31
C PRO B 540 -10.85 18.13 3.67
N ALA B 541 -10.48 17.19 2.82
CA ALA B 541 -10.59 15.74 3.05
C ALA B 541 -9.18 15.13 3.23
N GLN B 542 -8.57 14.62 2.17
CA GLN B 542 -7.25 13.94 2.28
C GLN B 542 -6.15 14.77 1.64
N PHE B 543 -5.03 14.90 2.34
CA PHE B 543 -3.73 15.19 1.70
C PHE B 543 -3.04 13.86 1.41
N ILE B 544 -2.69 13.64 0.14
CA ILE B 544 -2.08 12.38 -0.38
C ILE B 544 -0.67 12.70 -0.87
N HIS B 545 0.33 12.15 -0.20
CA HIS B 545 1.74 12.53 -0.43
C HIS B 545 2.37 11.34 -1.17
N VAL B 546 2.71 11.52 -2.43
CA VAL B 546 3.33 10.48 -3.29
C VAL B 546 4.83 10.77 -3.31
N LEU B 547 5.67 9.88 -2.79
CA LEU B 547 7.15 10.07 -2.73
C LEU B 547 7.78 9.31 -3.91
N GLY B 548 8.68 9.98 -4.62
CA GLY B 548 9.43 9.37 -5.73
C GLY B 548 10.73 8.80 -5.19
N ASN B 549 11.86 9.49 -5.35
CA ASN B 549 13.15 9.12 -4.73
C ASN B 549 13.02 9.51 -3.26
N ALA B 550 12.73 8.54 -2.42
CA ALA B 550 12.66 8.65 -0.94
C ALA B 550 14.00 8.19 -0.35
N HIS B 551 14.67 9.05 0.39
CA HIS B 551 16.01 8.75 0.99
C HIS B 551 16.05 9.16 2.45
N VAL B 552 16.71 8.33 3.21
CA VAL B 552 17.31 8.65 4.53
C VAL B 552 18.75 9.00 4.28
N TYR B 553 19.19 10.16 4.74
CA TYR B 553 20.64 10.48 4.81
C TYR B 553 21.21 9.47 5.83
N ASN B 554 22.36 8.86 5.51
CA ASN B 554 23.02 7.80 6.32
C ASN B 554 23.25 8.29 7.75
N ASN B 555 23.60 9.57 7.94
CA ASN B 555 23.91 10.19 9.25
C ASN B 555 22.63 10.67 9.99
N HIS B 556 21.44 10.37 9.48
CA HIS B 556 20.15 10.63 10.20
C HIS B 556 19.76 9.34 10.90
N ILE B 557 20.34 8.24 10.46
CA ILE B 557 19.98 6.87 10.91
C ILE B 557 19.94 6.82 12.44
N ASP B 558 20.95 7.28 13.17
CA ASP B 558 20.89 7.15 14.65
C ASP B 558 19.62 7.86 15.16
N SER B 559 19.40 9.10 14.74
CA SER B 559 18.29 9.97 15.18
C SER B 559 16.93 9.33 14.88
N LEU B 560 16.78 8.76 13.68
CA LEU B 560 15.48 8.17 13.26
C LEU B 560 15.18 6.90 14.07
N LYS B 561 16.22 6.13 14.44
CA LYS B 561 16.15 4.92 15.31
C LYS B 561 15.53 5.34 16.65
N ILE B 562 16.05 6.43 17.22
CA ILE B 562 15.44 7.07 18.42
C ILE B 562 14.00 7.41 18.05
N GLN B 563 13.79 7.98 16.88
CA GLN B 563 12.44 8.48 16.49
C GLN B 563 11.47 7.30 16.35
N LEU B 564 11.90 6.20 15.72
CA LEU B 564 11.02 5.01 15.51
C LEU B 564 10.53 4.44 16.85
N ASN B 565 11.30 4.59 17.93
CA ASN B 565 10.99 4.01 19.26
C ASN B 565 10.09 4.94 20.11
N ARG B 566 9.60 6.04 19.55
CA ARG B 566 8.64 6.93 20.24
C ARG B 566 7.21 6.66 19.74
N ILE B 567 6.28 6.50 20.68
CA ILE B 567 4.84 6.31 20.40
C ILE B 567 4.24 7.66 20.01
N PRO B 568 3.64 7.79 18.81
CA PRO B 568 3.09 9.08 18.41
C PRO B 568 2.01 9.52 19.41
N TYR B 569 1.85 10.83 19.56
CA TYR B 569 0.73 11.45 20.30
C TYR B 569 -0.41 11.76 19.34
N PRO B 570 -1.66 11.90 19.83
CA PRO B 570 -2.78 12.28 18.97
C PRO B 570 -2.44 13.65 18.36
N PHE B 571 -2.68 13.76 17.04
CA PHE B 571 -2.26 14.93 16.22
C PHE B 571 -2.98 16.16 16.74
N PRO B 572 -2.46 17.36 16.45
CA PRO B 572 -3.18 18.59 16.72
C PRO B 572 -4.26 18.86 15.66
N THR B 573 -4.84 20.06 15.71
CA THR B 573 -5.74 20.62 14.67
C THR B 573 -5.14 21.95 14.19
N LEU B 574 -5.59 22.39 13.02
CA LEU B 574 -5.26 23.69 12.38
C LEU B 574 -6.55 24.51 12.41
N LYS B 575 -6.50 25.75 12.87
CA LYS B 575 -7.65 26.65 12.69
C LYS B 575 -7.17 27.77 11.78
N LEU B 576 -7.76 27.90 10.61
CA LEU B 576 -7.65 29.11 9.77
C LEU B 576 -8.67 30.11 10.29
N ASN B 577 -8.27 31.36 10.36
CA ASN B 577 -9.17 32.53 10.32
C ASN B 577 -10.23 32.30 9.26
N PRO B 578 -11.50 32.04 9.68
CA PRO B 578 -12.59 31.78 8.72
C PRO B 578 -12.95 32.94 7.76
N ASP B 579 -12.60 34.18 8.12
CA ASP B 579 -12.90 35.39 7.29
C ASP B 579 -12.16 35.32 5.95
N ILE B 580 -11.05 34.61 5.82
CA ILE B 580 -10.21 34.71 4.59
C ILE B 580 -10.83 33.84 3.48
N LYS B 581 -11.26 34.45 2.39
CA LYS B 581 -11.91 33.76 1.26
C LYS B 581 -11.17 34.04 -0.06
N ASN B 582 -10.11 34.81 -0.02
CA ASN B 582 -9.17 34.93 -1.17
C ASN B 582 -7.84 34.31 -0.75
N ILE B 583 -7.32 33.41 -1.59
CA ILE B 583 -6.00 32.74 -1.38
C ILE B 583 -4.87 33.77 -1.19
N GLU B 584 -5.03 34.98 -1.74
CA GLU B 584 -3.96 36.02 -1.70
C GLU B 584 -4.00 36.77 -0.36
N ASP B 585 -5.00 36.54 0.52
CA ASP B 585 -5.32 37.45 1.66
C ASP B 585 -4.95 36.81 3.01
N PHE B 586 -4.25 35.68 3.00
CA PHE B 586 -3.73 35.08 4.25
C PHE B 586 -2.53 35.87 4.74
N THR B 587 -2.43 35.99 6.07
CA THR B 587 -1.26 36.53 6.80
C THR B 587 -0.91 35.55 7.92
N ILE B 588 0.28 35.67 8.50
CA ILE B 588 0.84 34.65 9.43
C ILE B 588 -0.12 34.46 10.62
N SER B 589 -0.82 35.50 11.06
CA SER B 589 -1.75 35.45 12.22
C SER B 589 -3.10 34.74 11.91
N ASP B 590 -3.44 34.41 10.65
CA ASP B 590 -4.65 33.62 10.28
C ASP B 590 -4.40 32.12 10.50
N PHE B 591 -3.17 31.70 10.84
CA PHE B 591 -2.85 30.25 11.02
C PHE B 591 -2.58 29.99 12.51
N THR B 592 -3.27 29.01 13.08
CA THR B 592 -3.10 28.64 14.50
C THR B 592 -3.15 27.12 14.60
N ILE B 593 -2.10 26.52 15.17
CA ILE B 593 -2.05 25.06 15.52
C ILE B 593 -2.57 24.88 16.95
N GLN B 594 -3.47 23.94 17.16
CA GLN B 594 -4.13 23.72 18.48
C GLN B 594 -3.86 22.31 19.03
N ASN B 595 -3.45 22.24 20.30
CA ASN B 595 -3.24 21.01 21.10
C ASN B 595 -2.03 20.22 20.55
N TYR B 596 -0.97 20.90 20.10
CA TYR B 596 0.22 20.18 19.59
C TYR B 596 0.92 19.56 20.79
N VAL B 597 0.86 18.23 20.91
CA VAL B 597 1.57 17.40 21.93
C VAL B 597 2.60 16.57 21.16
N HIS B 598 3.86 16.74 21.52
CA HIS B 598 5.03 16.22 20.77
C HIS B 598 6.11 15.74 21.74
N HIS B 599 6.81 14.66 21.39
CA HIS B 599 8.09 14.24 22.02
C HIS B 599 9.10 15.35 21.77
N GLU B 600 10.29 15.23 22.36
CA GLU B 600 11.29 16.33 22.40
C GLU B 600 11.92 16.54 21.01
N LYS B 601 12.46 17.73 20.75
CA LYS B 601 13.26 18.01 19.53
C LYS B 601 14.40 16.98 19.44
N ILE B 602 14.69 16.56 18.23
CA ILE B 602 15.82 15.68 17.86
C ILE B 602 16.64 16.44 16.83
N SER B 603 17.91 16.76 17.12
CA SER B 603 18.89 17.11 16.05
C SER B 603 19.06 15.85 15.18
N MET B 604 18.88 15.98 13.86
CA MET B 604 18.76 14.79 12.98
C MET B 604 20.14 14.15 12.77
N ASP B 605 21.24 14.92 12.85
CA ASP B 605 22.62 14.39 13.08
C ASP B 605 23.01 14.64 14.55
N MET B 606 24.00 13.88 15.05
CA MET B 606 24.60 14.06 16.40
C MET B 606 23.51 13.94 17.48
N MET C . -20.18 -3.48 -24.15
CA MET C . -21.57 -4.03 -24.27
C MET C . -21.54 -5.56 -24.03
O MET C . -21.16 -6.09 -22.97
CB MET C . -22.15 -3.71 -25.67
CG MET C . -23.25 -2.67 -25.67
SD MET C . -23.26 -1.48 -27.08
CE MET C . -24.06 -2.38 -28.42
H1 MET C . -19.93 -3.09 -24.93
H2 MET C . -19.57 -4.20 -23.94
H3 MET C . -20.16 -2.83 -23.44
HA MET C . -22.14 -3.59 -23.60
HB2 MET C . -21.42 -3.36 -26.23
HB3 MET C . -22.52 -4.53 -26.05
HG2 MET C . -24.13 -3.12 -25.66
HG3 MET C . -23.19 -2.13 -24.85
HE1 MET C . -24.10 -1.83 -29.20
HE2 MET C . -23.56 -3.18 -28.61
HE3 MET C . -24.96 -2.63 -28.14
N1 UMP D . -7.32 8.46 -20.75
C2 UMP D . -6.58 7.39 -20.23
N3 UMP D . -5.33 7.24 -20.79
C4 UMP D . -4.76 8.02 -21.77
C5 UMP D . -5.59 9.07 -22.28
C6 UMP D . -6.83 9.24 -21.76
O2 UMP D . -6.97 6.64 -19.35
O4 UMP D . -3.61 7.76 -22.14
C1' UMP D . -8.69 8.68 -20.27
C2' UMP D . -8.81 9.23 -18.86
C3' UMP D . -10.17 9.93 -18.94
C4' UMP D . -10.04 10.59 -20.31
O3' UMP D . -11.29 9.04 -18.93
O4' UMP D . -9.31 9.63 -21.11
C5' UMP D . -9.34 11.92 -20.31
O5' UMP D . -10.31 12.95 -20.07
P UMP D . -9.91 14.13 -19.11
OP1 UMP D . -11.09 15.02 -18.98
OP2 UMP D . -9.51 13.50 -17.82
OP3 UMP D . -8.80 14.83 -19.85
HN3 UMP D . -4.84 6.58 -20.45
H5 UMP D . -5.30 9.61 -22.97
H6 UMP D . -7.39 9.90 -22.14
H1' UMP D . -9.17 7.81 -20.33
H2' UMP D . -8.82 8.54 -18.17
H2'' UMP D . -8.10 9.87 -18.63
H3' UMP D . -10.27 10.62 -18.24
H4' UMP D . -10.94 10.70 -20.72
HO3' UMP D . -11.66 9.05 -19.69
H5' UMP D . -8.90 12.07 -21.18
H5'' UMP D . -8.66 11.93 -19.60
CAI E9X E . 10.52 -30.88 -10.47
CAE E9X E . 9.04 -30.78 -10.83
CAJ E9X E . 8.91 -30.73 -12.34
NAD E9X E . 8.45 -29.55 -10.31
CAC E9X E . 7.25 -29.59 -9.75
NAH E9X E . 6.72 -28.42 -9.41
NAB E9X E . 6.51 -30.69 -9.48
CAA E9X E . 7.08 -31.87 -9.72
NAG E9X E . 6.41 -32.97 -9.48
NAF E9X E . 8.31 -31.93 -10.29
OAK E9X E . 8.82 -33.18 -10.59
CAL E9X E . 9.42 -33.89 -9.45
CAM E9X E . 10.04 -35.14 -10.00
CAN E9X E . 11.36 -35.44 -9.34
NAO E9X E . 12.56 -34.82 -9.94
CAP E9X E . 13.54 -34.29 -9.12
CAZ E9X E . 14.91 -34.61 -9.30
CBA E9X E . 15.87 -34.16 -8.40
CBB E9X E . 15.49 -33.43 -7.31
CL E9X E . 16.70 -32.85 -6.21
CAR E9X E . 14.15 -33.12 -7.08
CAQ E9X E . 13.18 -33.58 -7.95
CAS E9X E . 12.71 -35.06 -11.38
CAT E9X E . 13.90 -34.53 -12.14
CAU E9X E . 14.61 -33.42 -11.74
CAV E9X E . 15.67 -32.94 -12.53
CAW E9X E . 16.00 -33.56 -13.72
CAX E9X E . 15.27 -34.64 -14.12
CAY E9X E . 14.21 -35.11 -13.35
H1 E9X E . 10.69 -31.70 -9.96
H2 E9X E . 10.78 -30.10 -9.93
H3 E9X E . 11.05 -30.89 -11.30
H4 E9X E . 8.36 -31.48 -12.64
H5 E9X E . 9.80 -30.79 -12.74
H6 E9X E . 8.48 -29.89 -12.60
H7 E9X E . 5.94 -28.40 -9.03
H8 E9X E . 7.15 -27.68 -9.56
H9 E9X E . 6.75 -33.75 -9.68
H10 E9X E . 5.62 -32.93 -9.10
H11 E9X E . 8.72 -34.11 -8.79
H12 E9X E . 10.10 -33.33 -9.03
H13 E9X E . 10.18 -35.03 -10.96
H14 E9X E . 9.42 -35.89 -9.84
H15 E9X E . 11.51 -36.41 -9.36
H16 E9X E . 11.33 -35.13 -8.41
H17 E9X E . 15.16 -35.14 -10.03
H18 E9X E . 16.78 -34.35 -8.55
H19 E9X E . 13.91 -32.61 -6.34
H20 E9X E . 12.29 -33.38 -7.80
H21 E9X E . 11.93 -34.70 -11.84
H22 E9X E . 12.72 -36.04 -11.54
H23 E9X E . 14.39 -32.98 -10.93
H24 E9X E . 16.16 -32.20 -12.23
H25 E9X E . 16.71 -33.24 -14.24
H26 E9X E . 15.47 -35.05 -14.95
H27 E9X E . 13.69 -35.82 -13.69
PA NDP F . 5.18 -42.57 -14.19
O1A NDP F . 3.81 -42.19 -13.74
O2A NDP F . 6.32 -41.73 -13.77
O5B NDP F . 5.53 -44.09 -13.82
C5B NDP F . 4.69 -45.16 -14.32
C4B NDP F . 5.16 -46.47 -13.74
O4B NDP F . 4.89 -46.43 -12.33
C3B NDP F . 4.41 -47.74 -14.19
O3B NDP F . 4.96 -48.31 -15.37
C2B NDP F . 4.68 -48.66 -13.01
O2B NDP F . 6.04 -49.09 -12.88
C1B NDP F . 4.48 -47.69 -11.87
N9A NDP F . 3.13 -47.58 -11.38
C8A NDP F . 2.27 -46.52 -11.55
N7A NDP F . 1.14 -46.65 -10.90
C5A NDP F . 1.26 -47.87 -10.27
C6A NDP F . 0.38 -48.59 -9.43
N6A NDP F . -0.83 -48.19 -9.09
N1A NDP F . 0.83 -49.77 -8.93
C2A NDP F . 2.06 -50.16 -9.28
N3A NDP F . 2.97 -49.59 -10.07
C4A NDP F . 2.50 -48.44 -10.54
O3 NDP F . 5.18 -42.71 -15.79
PN NDP F . 4.81 -41.74 -17.01
O1N NDP F . 3.32 -41.55 -17.04
O2N NDP F . 5.53 -42.20 -18.24
O5D NDP F . 5.47 -40.39 -16.48
C5D NDP F . 6.92 -40.16 -16.50
C4D NDP F . 7.15 -38.85 -17.23
O4D NDP F . 6.66 -37.76 -16.40
C3D NDP F . 8.60 -38.49 -17.54
O3D NDP F . 8.65 -37.84 -18.80
C2D NDP F . 8.94 -37.62 -16.30
O2D NDP F . 10.16 -36.92 -16.40
C1D NDP F . 7.66 -36.79 -16.27
N1N NDP F . 7.41 -36.07 -14.99
C2N NDP F . 7.02 -34.77 -15.01
C3N NDP F . 6.59 -34.10 -13.88
C7N NDP F . 6.27 -32.67 -14.00
O7N NDP F . 5.82 -32.09 -13.02
N7N NDP F . 6.43 -32.06 -15.17
C4N NDP F . 6.43 -34.86 -12.60
C5N NDP F . 6.81 -36.29 -12.74
C6N NDP F . 7.51 -36.71 -13.77
P2B NDP F . 6.43 -50.49 -13.58
O1X NDP F . 7.87 -50.88 -13.19
O2X NDP F . 5.42 -51.53 -13.08
O3X NDP F . 6.33 -50.17 -15.07
H51A NDP F . 3.65 -44.98 -14.04
H52A NDP F . 4.76 -45.20 -15.41
H4B NDP F . 6.22 -46.59 -13.97
H3B NDP F . 3.32 -47.60 -14.28
HO3A NDP F . 4.78 -47.73 -16.12
H2B NDP F . 4.03 -49.52 -13.16
H1B NDP F . 5.11 -48.01 -11.02
H8A NDP F . 2.55 -45.67 -12.17
H61A NDP F . -1.16 -47.36 -9.43
H2A NDP F . 2.29 -51.11 -8.80
H51N NDP F . 7.41 -40.98 -17.03
H52N NDP F . 7.30 -40.10 -15.49
H4D NDP F . 6.64 -38.91 -18.21
H3D NDP F . 9.19 -39.41 -17.58
HO3N NDP F . 9.56 -37.60 -19.01
H2D NDP F . 9.06 -38.29 -15.44
HO2N NDP F . 10.31 -36.40 -15.59
H1D NDP F . 7.69 -36.08 -17.10
H2N NDP F . 7.05 -34.20 -15.94
H71N NDP F . 6.23 -31.12 -15.25
H41N NDP F . 7.07 -34.38 -11.86
H42N NDP F . 5.39 -34.78 -12.30
H5N NDP F . 6.50 -36.99 -11.97
H6N NDP F . 8.16 -37.57 -13.66
N1 UMP G . 14.26 18.22 -0.21
C2 UMP G . 13.05 17.81 0.35
N3 UMP G . 12.06 18.75 0.31
C4 UMP G . 12.12 20.02 -0.23
C5 UMP G . 13.41 20.36 -0.78
C6 UMP G . 14.41 19.49 -0.72
O2 UMP G . 12.83 16.71 0.83
O4 UMP G . 11.12 20.73 -0.21
C1' UMP G . 15.44 17.33 -0.13
C2' UMP G . 15.50 16.17 -1.12
C3' UMP G . 17.01 16.02 -1.31
C4' UMP G . 17.37 17.48 -1.46
O3' UMP G . 17.68 15.46 -0.17
O4' UMP G . 16.59 18.11 -0.42
C5' UMP G . 17.05 18.10 -2.81
O5' UMP G . 18.20 17.99 -3.69
P UMP G . 18.05 17.27 -5.09
OP1 UMP G . 19.44 16.87 -5.49
OP2 UMP G . 17.15 16.10 -4.80
OP3 UMP G . 17.46 18.23 -6.08
HN3 UMP G . 11.28 18.49 0.65
H5 UMP G . 13.55 21.22 -1.14
H6 UMP G . 15.26 19.75 -1.01
H1' UMP G . 15.49 16.98 0.81
H2' UMP G . 15.10 15.35 -0.76
H2'' UMP G . 15.05 16.38 -1.96
H3' UMP G . 17.21 15.42 -2.07
H4' UMP G . 18.32 17.63 -1.27
HO3' UMP G . 18.15 16.06 0.19
H5' UMP G . 16.82 19.06 -2.69
H5'' UMP G . 16.27 17.64 -3.22
CAI E9X H . -17.11 6.98 29.38
CAE E9X H . -15.66 6.66 29.70
CAJ E9X H . -14.91 7.94 30.03
NAD E9X H . -15.07 6.10 28.48
CAC E9X H . -13.90 5.49 28.65
NAH E9X H . -13.13 5.31 27.59
NAB E9X H . -13.44 5.02 29.85
CAA E9X H . -14.41 4.89 30.78
NAG E9X H . -14.30 3.93 31.69
NAF E9X H . -15.50 5.70 30.82
OAK E9X H . -16.32 5.61 31.95
CAL E9X H . -17.72 5.20 31.78
CAM E9X H . -18.36 5.18 33.16
CAN E9X H . -19.76 5.87 33.27
NAO E9X H . -20.35 6.50 32.07
CAP E9X H . -21.19 5.78 31.21
CAZ E9X H . -22.53 6.15 30.99
CBA E9X H . -23.33 5.46 30.10
CBB E9X H . -22.80 4.38 29.42
CL E9X H . -23.78 3.49 28.30
CAR E9X H . -21.51 3.99 29.60
CAQ E9X H . -20.69 4.69 30.48
CAS E9X H . -19.88 7.84 31.71
CAT E9X H . -20.79 9.04 31.91
CAU E9X H . -21.85 9.30 31.03
CAV E9X H . -22.63 10.43 31.17
CAW E9X H . -22.35 11.36 32.16
CAX E9X H . -21.29 11.15 33.00
CAY E9X H . -20.51 10.00 32.86
H1 E9X H . -17.70 6.48 29.98
H2 E9X H . -17.30 6.71 28.45
H3 E9X H . -17.27 7.94 29.48
H4 E9X H . -14.47 7.85 30.91
H5 E9X H . -15.53 8.69 30.05
H6 E9X H . -14.22 8.09 29.35
H8 E9X H . -12.37 4.90 27.68
H8 E9X H . -13.40 5.59 26.82
H9 E9X H . -14.92 3.83 32.29
H10 E9X H . -13.61 3.39 31.67
H11 E9X H . -17.77 4.31 31.39
H12 E9X H . -18.19 5.82 31.20
H13 E9X H . -17.77 5.65 33.79
H14 E9X H . -18.49 4.26 33.44
H15 E9X H . -19.71 6.59 33.94
H16 E9X H . -20.42 5.19 33.55
H17 E9X H . -22.89 6.87 31.47
H18 E9X H . -24.23 5.72 29.96
H19 E9X H . -21.16 3.26 29.12
H20 E9X H . -19.81 4.41 30.60
H21 E9X H . -19.62 7.85 30.76
H22 E9X H . -19.07 8.04 32.25
H23 E9X H . -22.02 8.68 30.33
H24 E9X H . -23.36 10.57 30.59
H25 E9X H . -22.89 12.12 32.25
H26 E9X H . -21.08 11.78 33.67
H27 E9X H . -19.74 9.91 33.40
PA NDP I . -14.94 6.60 42.38
O1A NDP I . -13.62 5.94 42.17
O2A NDP I . -15.89 6.75 41.24
O5B NDP I . -15.72 5.87 43.58
C5B NDP I . -14.97 5.24 44.66
C4B NDP I . -15.87 4.91 45.82
O4B NDP I . -15.83 3.47 46.06
C3B NDP I . -15.52 5.56 47.16
O3B NDP I . -16.17 6.81 47.34
C2B NDP I . -16.01 4.51 48.16
O2B NDP I . -17.43 4.64 48.29
C1B NDP I . -15.67 3.22 47.44
N9A NDP I . -14.32 2.70 47.69
C8A NDP I . -13.13 3.37 47.52
N7A NDP I . -12.08 2.64 47.82
C5A NDP I . -12.61 1.43 48.23
C6A NDP I . -12.01 0.24 48.68
N6A NDP I . -10.69 0.09 48.79
N1A NDP I . -12.82 -0.80 49.00
C2A NDP I . -14.14 -0.63 48.86
N3A NDP I . -14.82 0.43 48.45
C4A NDP I . -13.99 1.45 48.16
O3 NDP I . -14.63 8.07 42.94
PN NDP I . -13.58 9.12 42.37
O1N NDP I . -12.24 8.48 42.37
O2N NDP I . -13.72 10.45 43.04
O5D NDP I . -14.10 9.22 40.85
C5D NDP I . -15.27 10.01 40.50
C4D NDP I . -14.89 10.97 39.40
O4D NDP I . -14.26 10.24 38.32
C3D NDP I . -16.06 11.72 38.75
O3D NDP I . -15.65 13.01 38.35
C2D NDP I . -16.36 10.79 37.57
O2D NDP I . -17.13 11.38 36.52
C1D NDP I . -14.95 10.47 37.11
N1N NDP I . -14.85 9.27 36.22
C2N NDP I . -13.72 9.05 35.47
C3N NDP I . -13.75 8.29 34.33
C7N NDP I . -12.85 8.60 33.17
O7N NDP I . -12.26 7.67 32.61
N7N NDP I . -12.71 9.85 32.76
C4N NDP I . -14.72 7.17 34.29
C5N NDP I . -15.87 7.40 35.21
C6N NDP I . -15.89 8.37 36.10
P2B NDP I . -18.04 4.55 49.78
O1X NDP I . -18.87 3.28 49.75
O2X NDP I . -16.95 4.47 50.84
O3X NDP I . -18.89 5.79 49.92
H51A NDP I . -14.51 4.32 44.28
H52A NDP I . -14.19 5.92 44.99
H4B NDP I . -16.89 5.23 45.53
H3B NDP I . -14.44 5.68 47.29
HO3A NDP I . -15.84 7.44 46.69
H2B NDP I . -15.54 4.70 49.12
H1B NDP I . -16.38 2.44 47.78
H8A NDP I . -13.12 4.38 47.17
H61A NDP I . -10.11 0.81 48.56
H2A NDP I . -14.67 -1.54 49.15
H51N NDP I . -15.61 10.57 41.38
H52N NDP I . -16.07 9.35 40.16
H4D NDP I . -14.23 11.74 39.82
H3D NDP I . -16.88 11.78 39.47
HO3N NDP I . -16.39 13.48 37.93
H2D NDP I . -16.92 9.93 37.95
HO2N NDP I . -17.28 10.71 35.83
H1D NDP I . -14.55 11.34 36.56
H2N NDP I . -12.77 9.48 35.77
H71N NDP I . -12.12 10.05 32.03
H41N NDP I . -15.09 7.07 33.27
H42N NDP I . -14.20 6.26 34.60
H5N NDP I . -16.70 6.71 35.13
H6N NDP I . -16.76 8.46 36.74
#